data_6ZK5
#
_entry.id   6ZK5
#
_cell.length_a   78.540
_cell.length_b   79.270
_cell.length_c   85.220
_cell.angle_alpha   90.000
_cell.angle_beta   90.000
_cell.angle_gamma   90.000
#
_symmetry.space_group_name_H-M   'P 21 21 21'
#
loop_
_entity.id
_entity.type
_entity.pdbx_description
1 polymer 'Nucleoside N-ribohydrolase 3'
2 non-polymer 'CALCIUM ION'
3 non-polymer 1,4-DIDEOXY-4-AZA-1-(S)-(9-DEAZAHYPOXANTHIN-9-YL)-D-RIBITOL
4 non-polymer 1,2-ETHANEDIOL
5 non-polymer 'TRIETHYLENE GLYCOL'
6 water water
#
_entity_poly.entity_id   1
_entity_poly.type   'polypeptide(L)'
_entity_poly.pdbx_seq_one_letter_code
;MGSSHHHHHHSQDPNSKIIIDTDPGIDDSVAILMAFQMPGVQVLGLTTIFGNCTTEHATRNALILCEKASHLEVPVAEGS
HEPLKGGKPHVADFVHGPDGLGNVDLPDPTIKKVEESATDFLVDKVSRFPGEVSVLALGPLTNIALAIKKDPSFVKNVKK
IVVLGGAFFAAGNATPSAEANIHSDPEAADMVFTSGADIYVVGLNITTQVSFTDKDLLELRNSQGKYAQFLCDVCKFYLD
WHTESYGAPVIFLHDPVSFAALVRPELFTFKKGVVRVETQGICVGHTSMDMLLKKWNSENPWTGYSPISVAWTVDVPKVV
AFVKELVTKP
;
_entity_poly.pdbx_strand_id   A,B
#
loop_
_chem_comp.id
_chem_comp.type
_chem_comp.name
_chem_comp.formula
CA non-polymer 'CALCIUM ION' 'Ca 2'
EDO non-polymer 1,2-ETHANEDIOL 'C2 H6 O2'
IMH non-polymer 1,4-DIDEOXY-4-AZA-1-(S)-(9-DEAZAHYPOXANTHIN-9-YL)-D-RIBITOL 'C11 H14 N4 O4'
PGE non-polymer 'TRIETHYLENE GLYCOL' 'C6 H14 O4'
#
# COMPACT_ATOMS: atom_id res chain seq x y z
N ASN A 15 -31.24 -18.22 13.17
CA ASN A 15 -31.58 -17.33 12.08
C ASN A 15 -30.76 -16.04 12.14
N SER A 16 -30.26 -15.59 10.98
CA SER A 16 -29.45 -14.37 10.86
C SER A 16 -29.97 -13.49 9.71
N LYS A 17 -30.41 -12.26 10.03
CA LYS A 17 -30.99 -11.29 9.10
C LYS A 17 -29.88 -10.54 8.40
N ILE A 18 -29.86 -10.56 7.06
CA ILE A 18 -28.83 -9.88 6.30
C ILE A 18 -29.43 -9.05 5.16
N ILE A 19 -28.74 -8.00 4.77
CA ILE A 19 -29.09 -7.20 3.58
C ILE A 19 -27.85 -7.27 2.70
N ILE A 20 -28.01 -7.64 1.42
CA ILE A 20 -26.88 -7.70 0.50
C ILE A 20 -26.91 -6.48 -0.42
N ASP A 21 -25.90 -5.61 -0.34
CA ASP A 21 -25.74 -4.43 -1.20
C ASP A 21 -24.81 -4.87 -2.32
N THR A 22 -25.29 -4.84 -3.56
CA THR A 22 -24.58 -5.52 -4.62
C THR A 22 -24.77 -4.92 -6.02
N ASP A 23 -23.77 -5.15 -6.89
CA ASP A 23 -23.74 -4.77 -8.31
C ASP A 23 -23.68 -6.06 -9.18
N PRO A 24 -24.70 -6.97 -9.14
CA PRO A 24 -24.56 -8.23 -9.89
C PRO A 24 -24.51 -8.06 -11.41
N GLY A 25 -23.40 -8.43 -12.07
CA GLY A 25 -22.17 -8.99 -11.46
C GLY A 25 -22.14 -10.51 -11.38
N ILE A 26 -21.07 -11.11 -11.92
CA ILE A 26 -20.92 -12.57 -11.99
C ILE A 26 -20.62 -13.19 -10.63
N ASP A 27 -19.56 -12.73 -9.94
CA ASP A 27 -19.26 -13.29 -8.61
C ASP A 27 -20.32 -12.87 -7.59
N ASP A 28 -20.94 -11.69 -7.74
CA ASP A 28 -22.04 -11.26 -6.86
C ASP A 28 -23.17 -12.30 -6.97
N SER A 29 -23.50 -12.73 -8.20
CA SER A 29 -24.56 -13.71 -8.48
C SER A 29 -24.29 -15.01 -7.77
N VAL A 30 -23.00 -15.46 -7.76
CA VAL A 30 -22.61 -16.67 -7.04
C VAL A 30 -22.90 -16.45 -5.55
N ALA A 31 -22.44 -15.30 -4.99
CA ALA A 31 -22.62 -14.97 -3.57
C ALA A 31 -24.10 -14.88 -3.17
N ILE A 32 -24.93 -14.25 -4.03
CA ILE A 32 -26.37 -14.10 -3.78
C ILE A 32 -27.06 -15.47 -3.72
N LEU A 33 -26.76 -16.34 -4.69
CA LEU A 33 -27.35 -17.68 -4.73
C LEU A 33 -26.86 -18.54 -3.57
N MET A 34 -25.61 -18.34 -3.16
CA MET A 34 -25.07 -18.99 -1.96
C MET A 34 -25.87 -18.57 -0.72
N ALA A 35 -26.16 -17.25 -0.59
CA ALA A 35 -26.91 -16.69 0.55
C ALA A 35 -28.30 -17.30 0.61
N PHE A 36 -28.95 -17.44 -0.56
CA PHE A 36 -30.28 -18.04 -0.63
C PHE A 36 -30.24 -19.56 -0.26
N GLN A 37 -29.09 -20.21 -0.51
CA GLN A 37 -28.85 -21.62 -0.21
C GLN A 37 -28.29 -21.88 1.20
N MET A 38 -27.95 -20.81 1.93
CA MET A 38 -27.31 -20.90 3.24
C MET A 38 -28.33 -21.13 4.34
N PRO A 39 -28.21 -22.25 5.08
CA PRO A 39 -29.14 -22.47 6.20
C PRO A 39 -28.90 -21.47 7.33
N GLY A 40 -29.98 -21.08 8.01
CA GLY A 40 -29.92 -20.15 9.14
C GLY A 40 -29.65 -18.71 8.76
N VAL A 41 -29.76 -18.38 7.44
CA VAL A 41 -29.58 -17.04 6.91
C VAL A 41 -30.88 -16.59 6.27
N GLN A 42 -31.35 -15.39 6.62
CA GLN A 42 -32.52 -14.78 6.02
C GLN A 42 -32.07 -13.52 5.28
N VAL A 43 -32.33 -13.48 3.98
CA VAL A 43 -32.00 -12.31 3.16
C VAL A 43 -33.20 -11.37 3.26
N LEU A 44 -33.05 -10.23 3.98
CA LEU A 44 -34.13 -9.26 4.11
C LEU A 44 -34.39 -8.54 2.82
N GLY A 45 -33.37 -8.45 1.98
CA GLY A 45 -33.48 -7.78 0.70
C GLY A 45 -32.14 -7.61 0.04
N LEU A 46 -32.19 -7.24 -1.24
CA LEU A 46 -31.02 -6.93 -2.05
C LEU A 46 -31.10 -5.45 -2.37
N THR A 47 -30.02 -4.70 -2.10
CA THR A 47 -29.97 -3.26 -2.40
C THR A 47 -28.95 -3.14 -3.50
N THR A 48 -29.29 -2.43 -4.59
CA THR A 48 -28.39 -2.42 -5.73
C THR A 48 -27.58 -1.18 -5.91
N ILE A 49 -26.43 -1.34 -6.57
CA ILE A 49 -25.49 -0.27 -6.83
C ILE A 49 -24.78 -0.56 -8.16
N PHE A 50 -24.10 0.45 -8.71
CA PHE A 50 -23.35 0.32 -9.96
C PHE A 50 -22.00 -0.30 -9.65
N GLY A 51 -21.17 -0.53 -10.67
CA GLY A 51 -19.80 -1.01 -10.52
C GLY A 51 -19.44 -1.96 -11.64
N ASN A 52 -19.92 -3.20 -11.54
CA ASN A 52 -19.76 -4.24 -12.56
C ASN A 52 -20.62 -3.91 -13.77
N CYS A 53 -21.67 -3.15 -13.52
CA CYS A 53 -22.65 -2.75 -14.52
C CYS A 53 -23.34 -1.48 -14.05
N THR A 54 -24.25 -0.91 -14.85
CA THR A 54 -25.03 0.25 -14.43
C THR A 54 -25.97 -0.19 -13.28
N THR A 55 -26.49 0.74 -12.46
CA THR A 55 -27.41 0.41 -11.37
C THR A 55 -28.71 -0.22 -11.92
N GLU A 56 -29.17 0.24 -13.09
CA GLU A 56 -30.38 -0.34 -13.69
C GLU A 56 -30.16 -1.80 -14.12
N HIS A 57 -28.98 -2.12 -14.66
CA HIS A 57 -28.63 -3.49 -15.00
C HIS A 57 -28.49 -4.33 -13.72
N ALA A 58 -27.86 -3.77 -12.65
CA ALA A 58 -27.70 -4.47 -11.37
C ALA A 58 -29.08 -4.81 -10.77
N THR A 59 -30.03 -3.86 -10.88
CA THR A 59 -31.42 -4.05 -10.38
C THR A 59 -32.12 -5.20 -11.12
N ARG A 60 -31.99 -5.22 -12.46
CA ARG A 60 -32.60 -6.25 -13.30
C ARG A 60 -32.05 -7.63 -12.89
N ASN A 61 -30.71 -7.73 -12.77
CA ASN A 61 -30.03 -8.97 -12.41
C ASN A 61 -30.40 -9.43 -11.04
N ALA A 62 -30.55 -8.51 -10.07
CA ALA A 62 -30.95 -8.88 -8.70
C ALA A 62 -32.37 -9.48 -8.71
N LEU A 63 -33.30 -8.87 -9.47
CA LEU A 63 -34.66 -9.39 -9.60
C LEU A 63 -34.67 -10.77 -10.27
N ILE A 64 -33.86 -10.94 -11.35
CA ILE A 64 -33.70 -12.23 -12.06
C ILE A 64 -33.22 -13.30 -11.06
N LEU A 65 -32.25 -12.94 -10.19
CA LEU A 65 -31.73 -13.87 -9.19
C LEU A 65 -32.78 -14.30 -8.18
N CYS A 66 -33.60 -13.33 -7.68
CA CYS A 66 -34.70 -13.60 -6.74
C CYS A 66 -35.70 -14.55 -7.34
N GLU A 67 -35.98 -14.39 -8.66
CA GLU A 67 -36.91 -15.27 -9.39
C GLU A 67 -36.32 -16.67 -9.55
N LYS A 68 -35.09 -16.78 -10.08
CA LYS A 68 -34.36 -18.02 -10.24
C LYS A 68 -34.34 -18.83 -8.96
N ALA A 69 -34.24 -18.13 -7.81
CA ALA A 69 -34.13 -18.79 -6.52
C ALA A 69 -35.46 -19.07 -5.81
N SER A 70 -36.61 -18.73 -6.45
CA SER A 70 -37.95 -18.89 -5.88
C SER A 70 -38.06 -18.11 -4.56
N HIS A 71 -37.51 -16.89 -4.59
CA HIS A 71 -37.51 -15.98 -3.46
C HIS A 71 -38.15 -14.64 -3.90
N LEU A 72 -39.32 -14.74 -4.56
CA LEU A 72 -40.10 -13.62 -5.13
C LEU A 72 -40.49 -12.58 -4.09
N GLU A 73 -40.52 -13.01 -2.81
CA GLU A 73 -40.86 -12.18 -1.65
C GLU A 73 -39.68 -11.32 -1.16
N VAL A 74 -38.45 -11.62 -1.61
CA VAL A 74 -37.27 -10.86 -1.21
C VAL A 74 -37.26 -9.53 -1.97
N PRO A 75 -37.40 -8.39 -1.27
CA PRO A 75 -37.42 -7.11 -2.00
C PRO A 75 -36.08 -6.72 -2.60
N VAL A 76 -36.14 -6.05 -3.75
CA VAL A 76 -34.96 -5.48 -4.40
C VAL A 76 -35.14 -3.96 -4.37
N ALA A 77 -34.26 -3.23 -3.67
CA ALA A 77 -34.38 -1.78 -3.61
C ALA A 77 -33.22 -1.15 -4.37
N GLU A 78 -33.55 -0.41 -5.42
CA GLU A 78 -32.53 0.22 -6.27
C GLU A 78 -31.81 1.37 -5.56
N GLY A 79 -30.50 1.39 -5.67
CA GLY A 79 -29.67 2.42 -5.05
C GLY A 79 -29.17 3.49 -5.99
N SER A 80 -28.07 4.15 -5.60
CA SER A 80 -27.51 5.27 -6.36
C SER A 80 -27.01 4.89 -7.75
N HIS A 81 -27.21 5.78 -8.71
CA HIS A 81 -26.78 5.59 -10.10
C HIS A 81 -25.39 6.18 -10.30
N GLU A 82 -24.96 7.02 -9.33
CA GLU A 82 -23.66 7.71 -9.41
C GLU A 82 -22.91 7.64 -8.08
N PRO A 83 -21.56 7.81 -8.05
CA PRO A 83 -20.89 7.88 -6.75
C PRO A 83 -21.27 9.18 -6.04
N LEU A 84 -20.89 9.31 -4.74
CA LEU A 84 -21.19 10.50 -3.94
C LEU A 84 -20.75 11.81 -4.56
N LYS A 85 -19.60 11.79 -5.28
CA LYS A 85 -19.07 12.99 -5.92
C LYS A 85 -19.81 13.35 -7.20
N GLY A 86 -20.70 12.47 -7.66
CA GLY A 86 -21.45 12.68 -8.89
C GLY A 86 -20.68 12.25 -10.13
N GLY A 87 -21.35 12.25 -11.28
CA GLY A 87 -20.73 11.84 -12.54
C GLY A 87 -21.04 10.41 -12.90
N LYS A 88 -20.96 10.06 -14.19
CA LYS A 88 -21.26 8.69 -14.63
C LYS A 88 -20.13 7.72 -14.29
N PRO A 89 -20.43 6.59 -13.63
CA PRO A 89 -19.34 5.64 -13.35
C PRO A 89 -18.91 4.85 -14.58
N HIS A 90 -17.65 4.45 -14.58
CA HIS A 90 -17.04 3.57 -15.56
C HIS A 90 -17.40 2.17 -15.03
N VAL A 91 -18.04 1.34 -15.84
CA VAL A 91 -18.44 0.01 -15.34
C VAL A 91 -17.50 -1.09 -15.85
N ALA A 92 -17.34 -2.16 -15.06
CA ALA A 92 -16.43 -3.27 -15.41
C ALA A 92 -17.09 -4.29 -16.36
N ASP A 93 -17.59 -3.79 -17.51
CA ASP A 93 -18.25 -4.60 -18.54
C ASP A 93 -17.27 -5.56 -19.24
N PHE A 94 -15.97 -5.25 -19.23
CA PHE A 94 -14.91 -6.13 -19.78
C PHE A 94 -14.72 -7.34 -18.85
N VAL A 95 -15.18 -7.24 -17.60
CA VAL A 95 -15.10 -8.35 -16.65
C VAL A 95 -16.45 -9.11 -16.55
N HIS A 96 -17.57 -8.38 -16.46
CA HIS A 96 -18.87 -9.00 -16.20
C HIS A 96 -19.86 -9.00 -17.37
N GLY A 97 -19.41 -8.59 -18.55
CA GLY A 97 -20.26 -8.57 -19.74
C GLY A 97 -20.99 -7.25 -19.91
N PRO A 98 -21.58 -7.00 -21.11
CA PRO A 98 -22.29 -5.73 -21.35
C PRO A 98 -23.50 -5.50 -20.46
N ASP A 99 -24.18 -6.61 -20.05
CA ASP A 99 -25.39 -6.76 -19.22
C ASP A 99 -25.09 -7.02 -17.71
N GLY A 100 -23.82 -7.26 -17.38
CA GLY A 100 -23.36 -7.61 -16.04
C GLY A 100 -23.53 -9.09 -15.71
N LEU A 101 -23.96 -9.94 -16.68
CA LEU A 101 -24.11 -11.38 -16.44
C LEU A 101 -23.37 -12.25 -17.47
N GLY A 102 -22.19 -11.80 -17.88
CA GLY A 102 -21.36 -12.53 -18.82
C GLY A 102 -21.97 -12.73 -20.19
N ASN A 103 -22.67 -11.72 -20.72
CA ASN A 103 -23.27 -11.82 -22.06
C ASN A 103 -24.23 -13.05 -22.21
N VAL A 104 -25.02 -13.30 -21.16
CA VAL A 104 -26.04 -14.35 -21.08
C VAL A 104 -27.37 -13.60 -21.16
N ASP A 105 -28.14 -13.80 -22.24
CA ASP A 105 -29.43 -13.10 -22.37
C ASP A 105 -30.48 -13.87 -21.58
N LEU A 106 -31.14 -13.22 -20.63
CA LEU A 106 -32.19 -13.86 -19.82
C LEU A 106 -33.51 -13.10 -19.96
N PRO A 107 -34.70 -13.74 -19.84
CA PRO A 107 -35.95 -12.96 -19.99
C PRO A 107 -36.10 -11.93 -18.88
N ASP A 108 -36.81 -10.82 -19.15
CA ASP A 108 -37.02 -9.78 -18.14
C ASP A 108 -37.73 -10.39 -16.92
N PRO A 109 -37.38 -9.98 -15.70
CA PRO A 109 -38.11 -10.53 -14.54
C PRO A 109 -39.54 -10.00 -14.48
N THR A 110 -40.45 -10.78 -13.90
CA THR A 110 -41.86 -10.39 -13.75
C THR A 110 -42.02 -9.51 -12.51
N ILE A 111 -41.26 -9.85 -11.44
CA ILE A 111 -41.24 -9.07 -10.20
C ILE A 111 -40.56 -7.73 -10.46
N LYS A 112 -40.97 -6.72 -9.73
CA LYS A 112 -40.43 -5.36 -9.87
C LYS A 112 -39.72 -4.95 -8.60
N LYS A 113 -38.84 -3.95 -8.72
CA LYS A 113 -38.15 -3.41 -7.57
C LYS A 113 -39.20 -2.78 -6.62
N VAL A 114 -38.88 -2.67 -5.32
CA VAL A 114 -39.80 -1.97 -4.41
C VAL A 114 -39.64 -0.45 -4.69
N GLU A 115 -40.52 0.40 -4.14
CA GLU A 115 -40.47 1.83 -4.35
C GLU A 115 -39.33 2.55 -3.63
N GLU A 116 -38.99 2.09 -2.43
CA GLU A 116 -37.96 2.72 -1.62
C GLU A 116 -36.56 2.56 -2.23
N SER A 117 -35.72 3.58 -2.03
CA SER A 117 -34.33 3.54 -2.48
C SER A 117 -33.58 2.58 -1.56
N ALA A 118 -32.39 2.17 -1.97
CA ALA A 118 -31.51 1.31 -1.17
C ALA A 118 -31.20 2.01 0.17
N THR A 119 -30.96 3.33 0.13
CA THR A 119 -30.68 4.14 1.31
C THR A 119 -31.79 3.98 2.34
N ASP A 120 -33.02 4.23 1.91
CA ASP A 120 -34.19 4.17 2.78
C ASP A 120 -34.47 2.76 3.29
N PHE A 121 -34.30 1.75 2.44
CA PHE A 121 -34.46 0.33 2.79
C PHE A 121 -33.46 -0.05 3.89
N LEU A 122 -32.18 0.35 3.73
CA LEU A 122 -31.13 0.10 4.70
C LEU A 122 -31.45 0.75 6.03
N VAL A 123 -31.84 2.04 5.99
CA VAL A 123 -32.19 2.81 7.19
C VAL A 123 -33.38 2.20 7.92
N ASP A 124 -34.44 1.88 7.19
CA ASP A 124 -35.67 1.33 7.75
C ASP A 124 -35.46 -0.02 8.45
N LYS A 125 -34.80 -0.97 7.78
CA LYS A 125 -34.58 -2.31 8.36
C LYS A 125 -33.68 -2.28 9.57
N VAL A 126 -32.59 -1.48 9.52
CA VAL A 126 -31.67 -1.35 10.65
C VAL A 126 -32.37 -0.70 11.84
N SER A 127 -33.17 0.35 11.61
CA SER A 127 -33.88 1.01 12.71
C SER A 127 -35.00 0.16 13.27
N ARG A 128 -35.65 -0.65 12.41
CA ARG A 128 -36.74 -1.53 12.82
C ARG A 128 -36.25 -2.74 13.62
N PHE A 129 -35.08 -3.29 13.27
CA PHE A 129 -34.50 -4.45 13.97
C PHE A 129 -33.12 -4.06 14.51
N PRO A 130 -33.04 -3.14 15.51
CA PRO A 130 -31.70 -2.69 15.97
C PRO A 130 -30.86 -3.82 16.52
N GLY A 131 -29.60 -3.86 16.08
CA GLY A 131 -28.61 -4.85 16.48
C GLY A 131 -28.73 -6.20 15.83
N GLU A 132 -29.73 -6.41 14.96
CA GLU A 132 -30.01 -7.70 14.33
C GLU A 132 -29.54 -7.85 12.89
N VAL A 133 -29.48 -6.74 12.14
CA VAL A 133 -29.19 -6.83 10.72
C VAL A 133 -27.71 -6.68 10.39
N SER A 134 -27.17 -7.66 9.62
CA SER A 134 -25.82 -7.59 9.09
C SER A 134 -25.89 -7.13 7.63
N VAL A 135 -25.04 -6.20 7.24
CA VAL A 135 -25.00 -5.72 5.85
C VAL A 135 -23.76 -6.33 5.15
N LEU A 136 -24.01 -7.00 4.03
CA LEU A 136 -22.93 -7.57 3.23
C LEU A 136 -22.78 -6.65 2.00
N ALA A 137 -21.66 -5.93 1.94
CA ALA A 137 -21.40 -4.95 0.88
C ALA A 137 -20.51 -5.53 -0.20
N LEU A 138 -21.13 -5.87 -1.34
CA LEU A 138 -20.47 -6.51 -2.49
C LEU A 138 -20.07 -5.56 -3.60
N GLY A 139 -20.44 -4.29 -3.48
CA GLY A 139 -20.09 -3.29 -4.51
C GLY A 139 -19.52 -2.03 -3.92
N PRO A 140 -19.47 -0.93 -4.73
CA PRO A 140 -19.12 0.39 -4.19
C PRO A 140 -20.00 0.70 -2.96
N LEU A 141 -19.51 1.49 -2.02
CA LEU A 141 -20.21 1.65 -0.74
C LEU A 141 -21.20 2.82 -0.67
N THR A 142 -21.58 3.41 -1.84
CA THR A 142 -22.44 4.60 -1.96
C THR A 142 -23.73 4.54 -1.12
N ASN A 143 -24.53 3.46 -1.25
CA ASN A 143 -25.78 3.33 -0.50
C ASN A 143 -25.58 3.28 0.99
N ILE A 144 -24.48 2.63 1.43
CA ILE A 144 -24.18 2.50 2.86
C ILE A 144 -23.78 3.83 3.41
N ALA A 145 -22.95 4.61 2.65
CA ALA A 145 -22.54 5.94 3.09
C ALA A 145 -23.76 6.87 3.18
N LEU A 146 -24.66 6.76 2.21
CA LEU A 146 -25.89 7.56 2.19
C LEU A 146 -26.80 7.22 3.38
N ALA A 147 -26.80 5.94 3.80
CA ALA A 147 -27.61 5.53 4.95
C ALA A 147 -27.05 6.14 6.24
N ILE A 148 -25.70 6.19 6.37
CA ILE A 148 -25.02 6.77 7.52
C ILE A 148 -25.32 8.27 7.57
N LYS A 149 -25.23 8.95 6.40
CA LYS A 149 -25.50 10.38 6.28
C LYS A 149 -26.94 10.72 6.70
N LYS A 150 -27.90 9.89 6.28
CA LYS A 150 -29.32 10.12 6.58
C LYS A 150 -29.65 9.90 8.07
N ASP A 151 -29.07 8.85 8.70
CA ASP A 151 -29.40 8.48 10.05
C ASP A 151 -28.19 8.24 10.97
N PRO A 152 -28.02 9.10 11.99
CA PRO A 152 -26.88 8.92 12.91
C PRO A 152 -26.98 7.67 13.80
N SER A 153 -28.17 7.04 13.89
CA SER A 153 -28.31 5.82 14.69
C SER A 153 -27.93 4.57 13.88
N PHE A 154 -27.78 4.71 12.56
CA PHE A 154 -27.43 3.59 11.67
C PHE A 154 -26.17 2.86 12.13
N VAL A 155 -25.08 3.59 12.44
CA VAL A 155 -23.79 3.00 12.83
C VAL A 155 -23.87 2.30 14.17
N LYS A 156 -24.82 2.70 15.02
CA LYS A 156 -25.02 2.11 16.34
C LYS A 156 -25.89 0.87 16.26
N ASN A 157 -26.91 0.89 15.39
CA ASN A 157 -27.90 -0.17 15.24
C ASN A 157 -27.58 -1.26 14.21
N VAL A 158 -26.71 -0.98 13.20
CA VAL A 158 -26.33 -2.05 12.26
C VAL A 158 -25.54 -3.12 13.07
N LYS A 159 -25.85 -4.43 12.92
CA LYS A 159 -25.13 -5.47 13.68
C LYS A 159 -23.65 -5.43 13.29
N LYS A 160 -23.37 -5.47 12.00
CA LYS A 160 -22.02 -5.40 11.43
C LYS A 160 -22.13 -5.15 9.93
N ILE A 161 -21.05 -4.65 9.33
CA ILE A 161 -20.97 -4.46 7.89
C ILE A 161 -19.78 -5.28 7.42
N VAL A 162 -20.02 -6.25 6.55
CA VAL A 162 -18.94 -7.06 6.00
C VAL A 162 -18.73 -6.52 4.60
N VAL A 163 -17.54 -5.99 4.34
CA VAL A 163 -17.20 -5.32 3.07
C VAL A 163 -16.28 -6.13 2.21
N LEU A 164 -16.65 -6.26 0.93
CA LEU A 164 -15.71 -6.80 -0.03
C LEU A 164 -15.14 -5.56 -0.71
N GLY A 165 -13.88 -5.26 -0.41
CA GLY A 165 -13.22 -4.11 -1.01
C GLY A 165 -11.85 -3.84 -0.45
N GLY A 166 -11.10 -3.03 -1.18
CA GLY A 166 -9.76 -2.61 -0.79
C GLY A 166 -8.68 -3.60 -1.15
N ALA A 167 -7.45 -3.18 -0.92
CA ALA A 167 -6.27 -3.99 -1.14
C ALA A 167 -5.29 -3.48 -0.07
N PHE A 168 -5.04 -4.34 0.92
CA PHE A 168 -4.19 -4.02 2.06
C PHE A 168 -2.86 -4.67 1.84
N PHE A 169 -1.83 -3.83 1.59
CA PHE A 169 -0.47 -4.29 1.30
C PHE A 169 -0.48 -5.30 0.13
N ALA A 170 -1.28 -5.01 -0.90
CA ALA A 170 -1.44 -5.84 -2.12
C ALA A 170 -1.83 -4.91 -3.26
N ALA A 171 -1.56 -5.35 -4.50
CA ALA A 171 -1.91 -4.61 -5.72
C ALA A 171 -3.43 -4.43 -5.85
N GLY A 172 -3.83 -3.30 -6.42
CA GLY A 172 -5.24 -3.08 -6.71
C GLY A 172 -5.56 -3.76 -8.04
N ASN A 173 -6.84 -3.79 -8.44
CA ASN A 173 -7.30 -4.36 -9.71
C ASN A 173 -7.94 -3.29 -10.61
N ALA A 174 -8.19 -2.08 -10.08
CA ALA A 174 -8.71 -0.93 -10.85
C ALA A 174 -7.52 -0.12 -11.35
N THR A 175 -6.53 0.09 -10.49
CA THR A 175 -5.24 0.73 -10.78
C THR A 175 -4.22 -0.07 -9.95
N PRO A 176 -2.89 0.10 -10.13
CA PRO A 176 -1.94 -0.60 -9.25
C PRO A 176 -2.20 -0.32 -7.77
N SER A 177 -2.81 0.84 -7.47
CA SER A 177 -3.01 1.29 -6.10
C SER A 177 -4.39 0.99 -5.49
N ALA A 178 -5.42 0.75 -6.32
CA ALA A 178 -6.80 0.64 -5.85
C ALA A 178 -7.59 -0.56 -6.32
N GLU A 179 -8.40 -1.14 -5.41
CA GLU A 179 -9.34 -2.21 -5.72
C GLU A 179 -10.60 -1.49 -6.30
N ALA A 180 -11.33 -2.17 -7.22
CA ALA A 180 -12.47 -1.59 -7.95
C ALA A 180 -13.59 -1.01 -7.12
N ASN A 181 -14.17 -1.76 -6.15
CA ASN A 181 -15.29 -1.25 -5.34
C ASN A 181 -14.95 0.05 -4.64
N ILE A 182 -13.73 0.18 -4.14
CA ILE A 182 -13.30 1.43 -3.45
C ILE A 182 -13.07 2.49 -4.48
N HIS A 183 -12.37 2.14 -5.57
CA HIS A 183 -12.07 3.08 -6.65
C HIS A 183 -13.36 3.66 -7.27
N SER A 184 -14.44 2.85 -7.31
CA SER A 184 -15.76 3.23 -7.84
C SER A 184 -16.42 4.31 -7.00
N ASP A 185 -16.18 4.33 -5.68
CA ASP A 185 -16.69 5.43 -4.86
C ASP A 185 -15.75 5.65 -3.67
N PRO A 186 -14.64 6.38 -3.85
CA PRO A 186 -13.68 6.58 -2.75
C PRO A 186 -14.24 7.32 -1.53
N GLU A 187 -15.02 8.38 -1.77
CA GLU A 187 -15.67 9.17 -0.70
C GLU A 187 -16.60 8.28 0.15
N ALA A 188 -17.39 7.40 -0.50
CA ALA A 188 -18.29 6.54 0.25
C ALA A 188 -17.50 5.56 1.10
N ALA A 189 -16.43 4.99 0.54
CA ALA A 189 -15.59 4.04 1.26
C ALA A 189 -14.93 4.70 2.48
N ASP A 190 -14.41 5.92 2.31
CA ASP A 190 -13.77 6.64 3.43
C ASP A 190 -14.79 6.93 4.52
N MET A 191 -16.02 7.28 4.10
CA MET A 191 -17.06 7.55 5.08
C MET A 191 -17.43 6.31 5.87
N VAL A 192 -17.56 5.16 5.20
CA VAL A 192 -17.94 3.90 5.86
C VAL A 192 -16.85 3.48 6.83
N PHE A 193 -15.61 3.46 6.36
CA PHE A 193 -14.47 3.02 7.16
C PHE A 193 -14.17 3.85 8.41
N THR A 194 -14.57 5.13 8.43
CA THR A 194 -14.35 6.02 9.59
C THR A 194 -15.62 6.21 10.43
N SER A 195 -16.70 5.58 10.01
CA SER A 195 -18.03 5.77 10.62
C SER A 195 -18.18 5.29 12.06
N GLY A 196 -17.34 4.37 12.52
CA GLY A 196 -17.47 3.82 13.87
C GLY A 196 -18.38 2.61 13.94
N ALA A 197 -18.92 2.15 12.80
CA ALA A 197 -19.74 0.93 12.78
C ALA A 197 -18.82 -0.31 12.97
N ASP A 198 -19.39 -1.47 13.34
CA ASP A 198 -18.63 -2.71 13.46
C ASP A 198 -18.38 -3.25 12.04
N ILE A 199 -17.23 -2.89 11.48
CA ILE A 199 -16.89 -3.24 10.10
C ILE A 199 -15.81 -4.32 9.98
N TYR A 200 -16.00 -5.22 9.01
CA TYR A 200 -15.04 -6.30 8.66
C TYR A 200 -14.73 -6.16 7.17
N VAL A 201 -13.48 -5.89 6.80
CA VAL A 201 -13.10 -5.66 5.39
C VAL A 201 -12.30 -6.80 4.84
N VAL A 202 -12.76 -7.33 3.71
CA VAL A 202 -12.11 -8.41 3.00
C VAL A 202 -11.57 -7.79 1.69
N GLY A 203 -10.25 -7.66 1.58
CA GLY A 203 -9.60 -7.07 0.42
C GLY A 203 -9.01 -8.07 -0.57
N LEU A 204 -8.42 -7.56 -1.67
CA LEU A 204 -7.79 -8.44 -2.69
C LEU A 204 -6.65 -9.26 -2.12
N ASN A 205 -5.97 -8.74 -1.06
CA ASN A 205 -4.90 -9.43 -0.32
C ASN A 205 -5.43 -10.82 0.17
N ILE A 206 -6.74 -10.92 0.42
CA ILE A 206 -7.38 -12.16 0.83
C ILE A 206 -7.94 -12.92 -0.39
N THR A 207 -8.80 -12.27 -1.17
CA THR A 207 -9.54 -12.96 -2.24
C THR A 207 -8.66 -13.52 -3.35
N THR A 208 -7.50 -12.88 -3.64
CA THR A 208 -6.61 -13.42 -4.68
C THR A 208 -5.89 -14.70 -4.19
N GLN A 209 -6.03 -15.03 -2.90
CA GLN A 209 -5.43 -16.25 -2.35
C GLN A 209 -6.36 -17.44 -2.59
N VAL A 210 -7.64 -17.18 -2.91
CA VAL A 210 -8.65 -18.22 -3.07
C VAL A 210 -8.92 -18.50 -4.55
N SER A 211 -8.09 -19.37 -5.14
CA SER A 211 -8.17 -19.68 -6.56
C SER A 211 -9.24 -20.71 -6.89
N PHE A 212 -10.03 -20.44 -7.93
CA PHE A 212 -11.02 -21.37 -8.48
C PHE A 212 -10.60 -21.58 -9.94
N THR A 213 -10.55 -22.83 -10.41
CA THR A 213 -10.03 -23.07 -11.75
C THR A 213 -11.09 -23.49 -12.76
N ASP A 214 -10.68 -23.66 -14.03
CA ASP A 214 -11.49 -24.19 -15.14
C ASP A 214 -11.89 -25.65 -14.79
N LYS A 215 -11.02 -26.39 -14.04
CA LYS A 215 -11.30 -27.74 -13.54
C LYS A 215 -12.44 -27.68 -12.48
N ASP A 216 -12.46 -26.67 -11.60
CA ASP A 216 -13.54 -26.51 -10.60
C ASP A 216 -14.85 -26.16 -11.31
N LEU A 217 -14.78 -25.41 -12.41
CA LEU A 217 -16.00 -25.06 -13.16
C LEU A 217 -16.60 -26.25 -13.92
N LEU A 218 -15.73 -27.15 -14.42
CA LEU A 218 -16.17 -28.37 -15.09
C LEU A 218 -16.77 -29.36 -14.07
N GLU A 219 -16.27 -29.42 -12.82
CA GLU A 219 -16.87 -30.29 -11.78
C GLU A 219 -18.26 -29.76 -11.42
N LEU A 220 -18.40 -28.43 -11.30
CA LEU A 220 -19.69 -27.78 -11.03
C LEU A 220 -20.70 -28.12 -12.17
N ARG A 221 -20.25 -28.12 -13.42
CA ARG A 221 -21.11 -28.46 -14.58
C ARG A 221 -21.53 -29.94 -14.53
N ASN A 222 -20.63 -30.82 -14.03
CA ASN A 222 -20.91 -32.23 -13.83
C ASN A 222 -21.75 -32.54 -12.58
N SER A 223 -21.99 -31.53 -11.73
CA SER A 223 -22.75 -31.74 -10.51
C SER A 223 -24.23 -31.55 -10.78
N GLN A 224 -25.04 -31.76 -9.75
CA GLN A 224 -26.47 -31.56 -9.80
C GLN A 224 -26.80 -30.27 -9.02
N GLY A 225 -25.83 -29.36 -8.89
CA GLY A 225 -26.00 -28.07 -8.22
C GLY A 225 -27.25 -27.37 -8.71
N LYS A 226 -28.08 -26.86 -7.77
CA LYS A 226 -29.36 -26.22 -8.13
C LYS A 226 -29.24 -25.21 -9.27
N TYR A 227 -28.21 -24.35 -9.21
CA TYR A 227 -27.98 -23.28 -10.17
C TYR A 227 -26.72 -23.52 -11.02
N ALA A 228 -26.23 -24.79 -11.11
CA ALA A 228 -25.01 -25.16 -11.83
C ALA A 228 -25.00 -24.72 -13.31
N GLN A 229 -26.11 -24.94 -14.02
CA GLN A 229 -26.22 -24.58 -15.44
C GLN A 229 -26.03 -23.07 -15.61
N PHE A 230 -26.82 -22.28 -14.86
CA PHE A 230 -26.76 -20.83 -14.91
C PHE A 230 -25.39 -20.31 -14.48
N LEU A 231 -24.85 -20.81 -13.37
CA LEU A 231 -23.56 -20.36 -12.86
C LEU A 231 -22.42 -20.71 -13.79
N CYS A 232 -22.44 -21.88 -14.45
CA CYS A 232 -21.43 -22.23 -15.46
C CYS A 232 -21.57 -21.34 -16.70
N ASP A 233 -22.81 -20.99 -17.11
CA ASP A 233 -23.06 -20.12 -18.27
C ASP A 233 -22.45 -18.74 -18.04
N VAL A 234 -22.77 -18.07 -16.92
CA VAL A 234 -22.26 -16.74 -16.61
C VAL A 234 -20.75 -16.72 -16.34
N CYS A 235 -20.19 -17.76 -15.70
CA CYS A 235 -18.75 -17.81 -15.38
C CYS A 235 -17.85 -18.00 -16.60
N LYS A 236 -18.39 -18.44 -17.78
CA LYS A 236 -17.55 -18.60 -18.99
C LYS A 236 -16.94 -17.25 -19.36
N PHE A 237 -17.75 -16.16 -19.35
CA PHE A 237 -17.26 -14.81 -19.66
C PHE A 237 -16.20 -14.43 -18.63
N TYR A 238 -16.51 -14.64 -17.33
CA TYR A 238 -15.61 -14.33 -16.19
C TYR A 238 -14.28 -15.06 -16.35
N LEU A 239 -14.31 -16.38 -16.60
CA LEU A 239 -13.12 -17.21 -16.80
C LEU A 239 -12.30 -16.74 -18.03
N ASP A 240 -12.97 -16.43 -19.15
CA ASP A 240 -12.28 -15.99 -20.37
C ASP A 240 -11.51 -14.70 -20.11
N TRP A 241 -12.12 -13.74 -19.39
CA TRP A 241 -11.43 -12.49 -19.06
C TRP A 241 -10.22 -12.74 -18.13
N HIS A 242 -10.36 -13.59 -17.09
CA HIS A 242 -9.23 -13.90 -16.21
C HIS A 242 -8.10 -14.57 -16.99
N THR A 243 -8.45 -15.52 -17.88
CA THR A 243 -7.46 -16.22 -18.72
C THR A 243 -6.72 -15.19 -19.58
N GLU A 244 -7.45 -14.22 -20.16
CA GLU A 244 -6.88 -13.17 -20.99
C GLU A 244 -6.02 -12.17 -20.18
N SER A 245 -6.59 -11.59 -19.11
CA SER A 245 -5.92 -10.57 -18.30
C SER A 245 -4.79 -11.07 -17.37
N TYR A 246 -5.02 -12.17 -16.64
CA TYR A 246 -4.05 -12.73 -15.69
C TYR A 246 -3.14 -13.80 -16.28
N GLY A 247 -3.51 -14.35 -17.43
CA GLY A 247 -2.74 -15.38 -18.12
C GLY A 247 -2.84 -16.74 -17.47
N ALA A 248 -3.97 -17.01 -16.78
CA ALA A 248 -4.20 -18.28 -16.10
C ALA A 248 -5.68 -18.66 -16.13
N PRO A 249 -6.04 -19.96 -16.28
CA PRO A 249 -7.47 -20.34 -16.26
C PRO A 249 -7.96 -20.45 -14.80
N VAL A 250 -7.84 -19.35 -14.07
CA VAL A 250 -8.16 -19.21 -12.65
C VAL A 250 -9.04 -17.97 -12.46
N ILE A 251 -10.14 -18.10 -11.71
CA ILE A 251 -11.04 -16.98 -11.39
C ILE A 251 -10.98 -16.71 -9.90
N PHE A 252 -11.24 -15.46 -9.51
CA PHE A 252 -11.32 -15.08 -8.11
C PHE A 252 -12.78 -14.78 -7.82
N LEU A 253 -13.36 -15.51 -6.85
CA LEU A 253 -14.74 -15.29 -6.49
C LEU A 253 -14.73 -14.44 -5.24
N HIS A 254 -14.42 -13.15 -5.44
CA HIS A 254 -14.30 -12.18 -4.37
C HIS A 254 -15.54 -12.14 -3.47
N ASP A 255 -16.72 -11.94 -4.07
CA ASP A 255 -17.98 -11.79 -3.32
C ASP A 255 -18.35 -13.07 -2.54
N PRO A 256 -18.28 -14.30 -3.12
CA PRO A 256 -18.47 -15.51 -2.30
C PRO A 256 -17.48 -15.60 -1.11
N VAL A 257 -16.20 -15.14 -1.30
CA VAL A 257 -15.22 -15.14 -0.20
C VAL A 257 -15.69 -14.21 0.93
N SER A 258 -16.22 -13.03 0.59
CA SER A 258 -16.73 -12.14 1.64
C SER A 258 -17.98 -12.72 2.32
N PHE A 259 -18.79 -13.51 1.57
CA PHE A 259 -19.95 -14.20 2.17
C PHE A 259 -19.45 -15.20 3.23
N ALA A 260 -18.35 -15.94 2.92
CA ALA A 260 -17.72 -16.84 3.86
C ALA A 260 -17.21 -16.06 5.08
N ALA A 261 -16.65 -14.84 4.90
CA ALA A 261 -16.24 -14.02 6.09
C ALA A 261 -17.46 -13.63 6.95
N LEU A 262 -18.61 -13.43 6.32
CA LEU A 262 -19.83 -13.10 7.03
C LEU A 262 -20.35 -14.29 7.86
N VAL A 263 -20.51 -15.48 7.25
CA VAL A 263 -21.16 -16.58 7.97
C VAL A 263 -20.16 -17.54 8.64
N ARG A 264 -18.91 -17.60 8.17
CA ARG A 264 -17.88 -18.47 8.75
C ARG A 264 -16.62 -17.62 9.06
N PRO A 265 -16.71 -16.58 9.95
CA PRO A 265 -15.52 -15.74 10.22
C PRO A 265 -14.34 -16.49 10.84
N GLU A 266 -14.60 -17.67 11.45
CA GLU A 266 -13.57 -18.53 12.02
C GLU A 266 -12.59 -19.06 10.94
N LEU A 267 -12.92 -18.93 9.64
CA LEU A 267 -12.05 -19.39 8.56
C LEU A 267 -11.02 -18.32 8.19
N PHE A 268 -11.05 -17.19 8.90
CA PHE A 268 -10.15 -16.04 8.68
C PHE A 268 -9.62 -15.57 10.01
N THR A 269 -8.54 -14.74 9.97
CA THR A 269 -8.07 -14.00 11.12
C THR A 269 -8.29 -12.54 10.74
N PHE A 270 -8.54 -11.69 11.73
CA PHE A 270 -8.78 -10.26 11.50
C PHE A 270 -7.80 -9.45 12.34
N LYS A 271 -7.28 -8.36 11.76
CA LYS A 271 -6.40 -7.44 12.46
C LYS A 271 -7.13 -6.13 12.58
N LYS A 272 -7.01 -5.49 13.72
CA LYS A 272 -7.70 -4.22 13.96
C LYS A 272 -6.82 -3.04 13.55
N GLY A 273 -7.41 -2.08 12.89
CA GLY A 273 -6.68 -0.90 12.47
C GLY A 273 -7.58 0.16 11.89
N VAL A 274 -7.11 1.39 11.89
CA VAL A 274 -7.84 2.51 11.30
C VAL A 274 -7.57 2.48 9.80
N VAL A 275 -8.64 2.58 9.02
CA VAL A 275 -8.52 2.58 7.58
C VAL A 275 -9.01 3.89 6.99
N ARG A 276 -8.15 4.51 6.15
CA ARG A 276 -8.53 5.71 5.40
C ARG A 276 -8.42 5.40 3.92
N VAL A 277 -9.19 6.12 3.11
CA VAL A 277 -9.20 5.96 1.67
C VAL A 277 -8.70 7.25 1.04
N GLU A 278 -7.79 7.14 0.06
CA GLU A 278 -7.35 8.28 -0.75
C GLU A 278 -8.50 8.63 -1.72
N THR A 279 -8.96 9.88 -1.70
CA THR A 279 -10.09 10.29 -2.55
C THR A 279 -9.69 11.12 -3.77
N GLN A 280 -8.41 11.52 -3.88
CA GLN A 280 -7.94 12.34 -5.02
C GLN A 280 -6.61 11.82 -5.51
N GLY A 281 -6.08 12.46 -6.53
CA GLY A 281 -4.75 12.15 -7.06
C GLY A 281 -4.64 10.83 -7.77
N ILE A 282 -3.42 10.46 -8.15
CA ILE A 282 -3.15 9.23 -8.89
C ILE A 282 -3.51 7.97 -8.07
N CYS A 283 -3.35 8.03 -6.74
CA CYS A 283 -3.67 6.90 -5.85
C CYS A 283 -5.12 6.90 -5.36
N VAL A 284 -6.03 7.60 -6.07
CA VAL A 284 -7.47 7.59 -5.75
C VAL A 284 -7.96 6.14 -5.59
N GLY A 285 -8.70 5.87 -4.50
CA GLY A 285 -9.23 4.54 -4.23
C GLY A 285 -8.35 3.66 -3.36
N HIS A 286 -7.10 4.09 -3.11
CA HIS A 286 -6.17 3.34 -2.26
C HIS A 286 -6.67 3.25 -0.83
N THR A 287 -6.61 2.04 -0.22
CA THR A 287 -6.99 1.79 1.18
C THR A 287 -5.73 1.66 1.99
N SER A 288 -5.50 2.60 2.94
CA SER A 288 -4.31 2.58 3.79
C SER A 288 -4.71 2.30 5.22
N MET A 289 -4.14 1.26 5.79
CA MET A 289 -4.45 0.84 7.16
C MET A 289 -3.35 1.18 8.15
N ASP A 290 -3.71 1.84 9.25
CA ASP A 290 -2.77 2.09 10.32
C ASP A 290 -2.78 0.80 11.12
N MET A 291 -1.63 0.15 11.14
CA MET A 291 -1.41 -1.11 11.83
C MET A 291 -1.50 -1.02 13.36
N LEU A 292 -1.48 0.22 13.93
CA LEU A 292 -1.54 0.55 15.38
C LEU A 292 -0.35 -0.02 16.18
N LEU A 293 0.74 -0.41 15.50
CA LEU A 293 1.95 -0.95 16.15
C LEU A 293 2.97 0.15 16.45
N LYS A 294 2.79 1.35 15.86
CA LYS A 294 3.69 2.48 16.04
C LYS A 294 2.94 3.69 16.56
N LYS A 295 3.42 4.25 17.68
CA LYS A 295 2.84 5.43 18.30
C LYS A 295 3.27 6.64 17.46
N TRP A 296 2.30 7.41 16.92
CA TRP A 296 2.61 8.58 16.09
C TRP A 296 2.94 9.78 16.93
N ASN A 297 4.08 10.41 16.64
CA ASN A 297 4.58 11.58 17.35
C ASN A 297 3.65 12.79 17.20
N SER A 298 3.00 12.89 16.03
CA SER A 298 2.07 13.97 15.72
C SER A 298 0.76 13.38 15.24
N GLU A 299 -0.33 14.17 15.32
CA GLU A 299 -1.62 13.71 14.83
C GLU A 299 -1.57 13.65 13.30
N ASN A 300 -2.36 12.75 12.71
CA ASN A 300 -2.40 12.56 11.27
C ASN A 300 -3.82 12.10 10.85
N PRO A 301 -4.12 11.95 9.53
CA PRO A 301 -5.46 11.52 9.14
C PRO A 301 -5.95 10.15 9.69
N TRP A 302 -5.09 9.37 10.37
CA TRP A 302 -5.49 8.07 10.93
C TRP A 302 -5.67 8.07 12.45
N THR A 303 -5.35 9.17 13.14
CA THR A 303 -5.41 9.14 14.59
C THR A 303 -6.76 9.42 15.21
N GLY A 304 -7.64 10.17 14.59
CA GLY A 304 -8.89 10.45 15.29
C GLY A 304 -10.06 9.54 14.98
N TYR A 305 -9.85 8.20 14.77
CA TYR A 305 -10.95 7.32 14.32
C TYR A 305 -11.03 5.98 15.01
N SER A 306 -12.22 5.37 14.97
CA SER A 306 -12.40 4.05 15.56
C SER A 306 -11.81 3.01 14.60
N PRO A 307 -10.99 2.07 15.10
CA PRO A 307 -10.43 1.04 14.20
C PRO A 307 -11.51 0.08 13.72
N ILE A 308 -11.25 -0.56 12.60
CA ILE A 308 -12.14 -1.57 11.99
C ILE A 308 -11.36 -2.88 11.89
N SER A 309 -12.02 -3.98 11.46
CA SER A 309 -11.35 -5.27 11.37
C SER A 309 -11.06 -5.54 9.91
N VAL A 310 -9.82 -5.89 9.61
CA VAL A 310 -9.40 -6.17 8.24
C VAL A 310 -9.00 -7.66 8.17
N ALA A 311 -9.63 -8.45 7.28
CA ALA A 311 -9.29 -9.89 7.14
C ALA A 311 -7.81 -9.97 6.75
N TRP A 312 -7.02 -10.70 7.56
CA TRP A 312 -5.57 -10.77 7.43
C TRP A 312 -5.06 -12.08 6.84
N THR A 313 -5.62 -13.21 7.29
CA THR A 313 -5.26 -14.53 6.74
C THR A 313 -6.55 -15.27 6.46
N VAL A 314 -6.47 -16.34 5.66
CA VAL A 314 -7.65 -17.12 5.25
C VAL A 314 -7.28 -18.59 5.13
N ASP A 315 -8.16 -19.47 5.62
CA ASP A 315 -7.98 -20.92 5.50
C ASP A 315 -8.56 -21.24 4.10
N VAL A 316 -7.69 -21.26 3.09
CA VAL A 316 -8.08 -21.42 1.69
C VAL A 316 -8.81 -22.75 1.43
N PRO A 317 -8.33 -23.96 1.80
CA PRO A 317 -9.12 -25.17 1.48
C PRO A 317 -10.52 -25.15 2.09
N LYS A 318 -10.65 -24.66 3.33
CA LYS A 318 -11.96 -24.57 3.98
C LYS A 318 -12.92 -23.58 3.28
N VAL A 319 -12.40 -22.43 2.80
CA VAL A 319 -13.23 -21.46 2.07
C VAL A 319 -13.66 -22.05 0.71
N VAL A 320 -12.72 -22.72 -0.01
CA VAL A 320 -13.05 -23.37 -1.29
C VAL A 320 -14.16 -24.43 -1.08
N ALA A 321 -13.99 -25.31 -0.07
CA ALA A 321 -14.94 -26.38 0.28
C ALA A 321 -16.31 -25.79 0.61
N PHE A 322 -16.34 -24.66 1.33
CA PHE A 322 -17.59 -23.99 1.73
C PHE A 322 -18.32 -23.44 0.52
N VAL A 323 -17.61 -22.76 -0.38
CA VAL A 323 -18.21 -22.23 -1.62
C VAL A 323 -18.73 -23.40 -2.47
N LYS A 324 -17.91 -24.44 -2.65
CA LYS A 324 -18.31 -25.62 -3.45
C LYS A 324 -19.52 -26.30 -2.87
N GLU A 325 -19.59 -26.46 -1.56
CA GLU A 325 -20.71 -27.12 -0.90
C GLU A 325 -22.02 -26.39 -1.23
N LEU A 326 -22.00 -25.06 -1.15
CA LEU A 326 -23.18 -24.26 -1.41
C LEU A 326 -23.60 -24.25 -2.86
N VAL A 327 -22.66 -24.21 -3.82
CA VAL A 327 -23.03 -24.17 -5.25
C VAL A 327 -23.33 -25.58 -5.83
N THR A 328 -22.78 -26.64 -5.26
CA THR A 328 -23.03 -27.99 -5.78
C THR A 328 -24.28 -28.62 -5.15
N LYS A 329 -24.81 -27.98 -4.11
CA LYS A 329 -26.02 -28.42 -3.38
C LYS A 329 -27.22 -28.50 -4.37
N PRO A 330 -27.85 -29.69 -4.55
CA PRO A 330 -29.01 -29.80 -5.45
C PRO A 330 -30.20 -28.95 -5.03
N ASN B 15 38.36 0.86 -7.86
CA ASN B 15 37.70 1.78 -6.92
C ASN B 15 36.45 2.45 -7.51
N SER B 16 35.28 1.93 -7.14
CA SER B 16 33.95 2.40 -7.53
C SER B 16 33.66 3.78 -6.92
N LYS B 17 33.39 4.76 -7.79
CA LYS B 17 33.15 6.16 -7.41
C LYS B 17 31.70 6.35 -7.00
N ILE B 18 31.49 6.87 -5.79
CA ILE B 18 30.13 7.07 -5.29
C ILE B 18 29.98 8.47 -4.69
N ILE B 19 28.76 8.98 -4.72
CA ILE B 19 28.41 10.23 -4.06
C ILE B 19 27.27 9.85 -3.11
N ILE B 20 27.36 10.24 -1.82
CA ILE B 20 26.32 9.93 -0.87
C ILE B 20 25.52 11.21 -0.59
N ASP B 21 24.21 11.21 -0.95
CA ASP B 21 23.28 12.31 -0.68
C ASP B 21 22.57 11.95 0.61
N THR B 22 22.76 12.77 1.66
CA THR B 22 22.37 12.31 2.98
C THR B 22 21.95 13.42 3.96
N ASP B 23 21.12 13.05 4.94
CA ASP B 23 20.62 13.91 6.03
C ASP B 23 21.14 13.36 7.38
N PRO B 24 22.48 13.27 7.64
CA PRO B 24 22.92 12.61 8.89
C PRO B 24 22.51 13.34 10.17
N GLY B 25 21.70 12.72 11.04
CA GLY B 25 21.13 11.38 10.87
C GLY B 25 21.95 10.27 11.48
N ILE B 26 21.31 9.46 12.34
CA ILE B 26 21.99 8.37 13.06
C ILE B 26 22.33 7.19 12.14
N ASP B 27 21.32 6.62 11.44
CA ASP B 27 21.63 5.50 10.54
C ASP B 27 22.45 5.97 9.33
N ASP B 28 22.27 7.23 8.86
CA ASP B 28 23.10 7.78 7.79
C ASP B 28 24.58 7.75 8.23
N SER B 29 24.86 8.15 9.49
CA SER B 29 26.21 8.17 10.05
C SER B 29 26.84 6.79 10.02
N VAL B 30 26.03 5.75 10.35
CA VAL B 30 26.51 4.37 10.29
C VAL B 30 26.90 4.06 8.83
N ALA B 31 25.99 4.36 7.88
CA ALA B 31 26.20 4.12 6.44
C ALA B 31 27.42 4.86 5.91
N ILE B 32 27.62 6.14 6.32
CA ILE B 32 28.74 6.96 5.86
C ILE B 32 30.07 6.36 6.33
N LEU B 33 30.16 5.97 7.61
CA LEU B 33 31.37 5.35 8.16
C LEU B 33 31.63 3.98 7.54
N MET B 34 30.56 3.26 7.24
CA MET B 34 30.66 1.96 6.52
C MET B 34 31.29 2.20 5.13
N ALA B 35 30.82 3.25 4.42
CA ALA B 35 31.32 3.59 3.07
C ALA B 35 32.80 3.94 3.12
N PHE B 36 33.22 4.71 4.15
CA PHE B 36 34.63 5.06 4.32
C PHE B 36 35.46 3.78 4.62
N GLN B 37 34.85 2.77 5.27
CA GLN B 37 35.49 1.49 5.62
C GLN B 37 35.39 0.41 4.53
N MET B 38 34.61 0.67 3.47
CA MET B 38 34.36 -0.30 2.41
C MET B 38 35.49 -0.36 1.40
N PRO B 39 36.11 -1.54 1.23
CA PRO B 39 37.17 -1.68 0.21
C PRO B 39 36.60 -1.57 -1.21
N GLY B 40 37.41 -1.06 -2.13
CA GLY B 40 37.02 -0.92 -3.53
C GLY B 40 36.01 0.18 -3.78
N VAL B 41 35.82 1.09 -2.80
CA VAL B 41 34.86 2.18 -2.90
C VAL B 41 35.54 3.50 -2.62
N GLN B 42 35.29 4.49 -3.49
CA GLN B 42 35.82 5.84 -3.32
C GLN B 42 34.64 6.79 -3.15
N VAL B 43 34.61 7.51 -2.01
CA VAL B 43 33.55 8.48 -1.74
C VAL B 43 34.01 9.81 -2.35
N LEU B 44 33.39 10.21 -3.45
CA LEU B 44 33.76 11.47 -4.13
C LEU B 44 33.34 12.68 -3.31
N GLY B 45 32.30 12.51 -2.51
CA GLY B 45 31.79 13.57 -1.68
C GLY B 45 30.48 13.20 -1.02
N LEU B 46 30.09 14.03 -0.03
CA LEU B 46 28.82 13.93 0.66
C LEU B 46 28.01 15.14 0.27
N THR B 47 26.77 14.94 -0.19
CA THR B 47 25.88 16.06 -0.56
C THR B 47 24.78 16.02 0.48
N THR B 48 24.46 17.15 1.11
CA THR B 48 23.53 17.13 2.22
C THR B 48 22.14 17.62 1.91
N ILE B 49 21.20 17.13 2.71
CA ILE B 49 19.79 17.46 2.56
C ILE B 49 19.14 17.41 3.94
N PHE B 50 17.93 17.97 4.07
CA PHE B 50 17.17 17.98 5.31
C PHE B 50 16.48 16.63 5.45
N GLY B 51 15.74 16.44 6.55
CA GLY B 51 14.92 15.25 6.78
C GLY B 51 14.96 14.86 8.25
N ASN B 52 16.07 14.22 8.63
CA ASN B 52 16.33 13.82 10.02
C ASN B 52 16.63 15.04 10.85
N CYS B 53 17.11 16.08 10.19
CA CYS B 53 17.50 17.33 10.80
C CYS B 53 17.46 18.41 9.74
N THR B 54 17.73 19.68 10.12
CA THR B 54 17.79 20.78 9.14
C THR B 54 19.01 20.50 8.22
N THR B 55 19.06 21.10 7.01
CA THR B 55 20.19 20.92 6.09
C THR B 55 21.50 21.44 6.72
N GLU B 56 21.42 22.52 7.52
CA GLU B 56 22.62 23.04 8.18
C GLU B 56 23.15 22.07 9.24
N HIS B 57 22.27 21.40 9.98
CA HIS B 57 22.70 20.38 10.94
C HIS B 57 23.26 19.18 10.20
N ALA B 58 22.64 18.77 9.06
CA ALA B 58 23.11 17.64 8.24
C ALA B 58 24.53 17.93 7.72
N THR B 59 24.76 19.18 7.28
CA THR B 59 26.08 19.63 6.81
C THR B 59 27.13 19.55 7.92
N ARG B 60 26.77 20.03 9.13
CA ARG B 60 27.67 20.00 10.29
C ARG B 60 28.06 18.56 10.63
N ASN B 61 27.07 17.63 10.63
CA ASN B 61 27.30 16.22 10.96
C ASN B 61 28.11 15.52 9.90
N ALA B 62 27.90 15.84 8.60
CA ALA B 62 28.68 15.27 7.49
C ALA B 62 30.16 15.67 7.65
N LEU B 63 30.42 16.94 7.98
CA LEU B 63 31.79 17.43 8.22
C LEU B 63 32.42 16.75 9.44
N ILE B 64 31.67 16.59 10.54
CA ILE B 64 32.12 15.88 11.76
C ILE B 64 32.53 14.44 11.38
N LEU B 65 31.73 13.78 10.52
CA LEU B 65 32.01 12.41 10.08
C LEU B 65 33.27 12.30 9.26
N CYS B 66 33.48 13.26 8.32
CA CYS B 66 34.70 13.32 7.49
C CYS B 66 35.91 13.52 8.38
N GLU B 67 35.79 14.38 9.43
CA GLU B 67 36.87 14.65 10.37
C GLU B 67 37.18 13.40 11.17
N LYS B 68 36.14 12.75 11.71
CA LYS B 68 36.22 11.52 12.52
C LYS B 68 36.94 10.39 11.74
N ALA B 69 36.62 10.25 10.45
CA ALA B 69 37.16 9.21 9.57
C ALA B 69 38.50 9.55 8.95
N SER B 70 39.13 10.71 9.33
CA SER B 70 40.41 11.18 8.79
C SER B 70 40.31 11.31 7.25
N HIS B 71 39.17 11.84 6.80
CA HIS B 71 38.85 12.08 5.40
C HIS B 71 38.50 13.57 5.24
N LEU B 72 39.41 14.43 5.67
CA LEU B 72 39.27 15.90 5.65
C LEU B 72 39.14 16.45 4.22
N GLU B 73 39.69 15.70 3.25
CA GLU B 73 39.70 16.02 1.83
C GLU B 73 38.39 15.69 1.12
N VAL B 74 37.49 14.90 1.74
CA VAL B 74 36.22 14.51 1.09
C VAL B 74 35.30 15.72 1.13
N PRO B 75 34.91 16.29 -0.03
CA PRO B 75 34.09 17.49 0.02
C PRO B 75 32.67 17.24 0.52
N VAL B 76 32.17 18.22 1.28
CA VAL B 76 30.78 18.19 1.76
C VAL B 76 30.09 19.36 1.05
N ALA B 77 29.10 19.07 0.17
CA ALA B 77 28.41 20.14 -0.56
C ALA B 77 27.00 20.22 -0.05
N GLU B 78 26.66 21.37 0.53
CA GLU B 78 25.32 21.57 1.11
C GLU B 78 24.24 21.69 0.04
N GLY B 79 23.13 21.00 0.27
CA GLY B 79 22.00 21.01 -0.67
C GLY B 79 20.83 21.87 -0.26
N SER B 80 19.63 21.54 -0.77
CA SER B 80 18.41 22.32 -0.53
C SER B 80 18.00 22.35 0.95
N HIS B 81 17.49 23.48 1.39
CA HIS B 81 17.02 23.69 2.74
C HIS B 81 15.53 23.40 2.84
N GLU B 82 14.85 23.34 1.68
CA GLU B 82 13.40 23.14 1.60
C GLU B 82 13.04 22.11 0.52
N PRO B 83 11.85 21.43 0.60
CA PRO B 83 11.46 20.56 -0.52
C PRO B 83 11.14 21.41 -1.76
N LEU B 84 10.98 20.76 -2.93
CA LEU B 84 10.66 21.45 -4.20
C LEU B 84 9.44 22.36 -4.11
N LYS B 85 8.42 21.96 -3.34
CA LYS B 85 7.20 22.75 -3.19
C LYS B 85 7.38 23.96 -2.25
N GLY B 86 8.53 24.03 -1.58
CA GLY B 86 8.83 25.13 -0.67
C GLY B 86 8.27 24.91 0.73
N GLY B 87 8.66 25.78 1.65
CA GLY B 87 8.22 25.71 3.02
C GLY B 87 9.26 25.06 3.92
N LYS B 88 9.21 25.42 5.22
CA LYS B 88 10.13 24.92 6.24
C LYS B 88 9.83 23.44 6.49
N PRO B 89 10.82 22.53 6.32
CA PRO B 89 10.51 21.11 6.53
C PRO B 89 10.34 20.72 7.99
N HIS B 90 9.48 19.73 8.26
CA HIS B 90 9.32 19.14 9.59
C HIS B 90 10.42 18.08 9.69
N VAL B 91 11.29 18.18 10.68
CA VAL B 91 12.42 17.27 10.78
C VAL B 91 12.19 16.18 11.84
N ALA B 92 12.79 14.99 11.64
CA ALA B 92 12.61 13.87 12.54
C ALA B 92 13.54 13.92 13.77
N ASP B 93 13.51 15.06 14.50
CA ASP B 93 14.32 15.28 15.69
C ASP B 93 13.95 14.36 16.86
N PHE B 94 12.69 13.86 16.87
CA PHE B 94 12.21 12.92 17.90
C PHE B 94 12.87 11.56 17.66
N VAL B 95 13.38 11.34 16.43
CA VAL B 95 14.07 10.10 16.06
C VAL B 95 15.59 10.24 16.17
N HIS B 96 16.15 11.32 15.58
CA HIS B 96 17.60 11.49 15.47
C HIS B 96 18.23 12.54 16.38
N GLY B 97 17.47 13.06 17.33
CA GLY B 97 17.99 14.05 18.26
C GLY B 97 17.82 15.48 17.80
N PRO B 98 17.99 16.47 18.72
CA PRO B 98 17.77 17.89 18.33
C PRO B 98 18.70 18.40 17.24
N ASP B 99 19.91 17.85 17.10
CA ASP B 99 20.83 18.30 16.06
C ASP B 99 21.11 17.19 15.01
N GLY B 100 20.43 16.06 15.16
CA GLY B 100 20.53 14.95 14.22
C GLY B 100 21.55 13.87 14.56
N LEU B 101 22.26 14.03 15.67
CA LEU B 101 23.30 13.08 16.03
C LEU B 101 23.02 12.45 17.37
N GLY B 102 21.74 12.20 17.66
CA GLY B 102 21.29 11.64 18.93
C GLY B 102 21.78 12.44 20.10
N ASN B 103 22.39 11.77 21.11
CA ASN B 103 22.95 12.44 22.30
C ASN B 103 24.45 12.69 22.24
N VAL B 104 25.07 12.47 21.07
CA VAL B 104 26.51 12.64 20.88
C VAL B 104 26.93 14.09 20.92
N ASP B 105 27.74 14.41 21.89
CA ASP B 105 28.27 15.74 22.13
C ASP B 105 29.67 15.86 21.51
N LEU B 106 29.73 16.48 20.33
CA LEU B 106 31.00 16.68 19.64
C LEU B 106 31.21 18.16 19.29
N PRO B 107 32.45 18.68 19.43
CA PRO B 107 32.68 20.09 19.08
C PRO B 107 32.44 20.34 17.59
N ASP B 108 32.17 21.60 17.21
CA ASP B 108 31.95 21.99 15.83
C ASP B 108 33.17 21.58 14.97
N PRO B 109 32.94 21.14 13.72
CA PRO B 109 34.08 20.77 12.88
C PRO B 109 34.89 22.01 12.46
N THR B 110 36.18 21.83 12.23
CA THR B 110 37.08 22.88 11.77
C THR B 110 36.99 22.97 10.24
N ILE B 111 36.83 21.83 9.55
CA ILE B 111 36.67 21.82 8.10
C ILE B 111 35.32 22.45 7.74
N LYS B 112 35.26 23.06 6.55
CA LYS B 112 34.09 23.76 6.07
C LYS B 112 33.54 23.07 4.84
N LYS B 113 32.25 23.30 4.56
CA LYS B 113 31.61 22.79 3.36
C LYS B 113 32.30 23.46 2.15
N VAL B 114 32.22 22.84 0.96
CA VAL B 114 32.73 23.47 -0.26
C VAL B 114 31.71 24.56 -0.67
N GLU B 115 32.06 25.43 -1.62
CA GLU B 115 31.16 26.51 -2.02
C GLU B 115 29.99 26.06 -2.90
N GLU B 116 30.22 25.07 -3.76
CA GLU B 116 29.18 24.57 -4.67
C GLU B 116 28.02 23.90 -3.94
N SER B 117 26.81 24.05 -4.48
CA SER B 117 25.64 23.39 -3.92
C SER B 117 25.73 21.89 -4.24
N ALA B 118 24.92 21.08 -3.57
CA ALA B 118 24.82 19.64 -3.81
C ALA B 118 24.43 19.40 -5.27
N THR B 119 23.47 20.19 -5.79
CA THR B 119 23.01 20.09 -7.18
C THR B 119 24.20 20.20 -8.13
N ASP B 120 24.99 21.25 -7.99
CA ASP B 120 26.13 21.51 -8.86
C ASP B 120 27.23 20.48 -8.75
N PHE B 121 27.50 20.02 -7.51
CA PHE B 121 28.47 18.97 -7.22
C PHE B 121 28.06 17.66 -7.94
N LEU B 122 26.76 17.28 -7.81
CA LEU B 122 26.21 16.09 -8.45
C LEU B 122 26.35 16.16 -9.95
N VAL B 123 25.95 17.31 -10.53
CA VAL B 123 26.01 17.54 -11.98
C VAL B 123 27.44 17.47 -12.48
N ASP B 124 28.36 18.18 -11.82
CA ASP B 124 29.77 18.26 -12.23
C ASP B 124 30.45 16.90 -12.23
N LYS B 125 30.32 16.12 -11.14
CA LYS B 125 30.99 14.81 -11.05
C LYS B 125 30.45 13.79 -12.05
N VAL B 126 29.12 13.78 -12.25
CA VAL B 126 28.50 12.87 -13.21
C VAL B 126 28.91 13.23 -14.64
N SER B 127 28.95 14.54 -14.97
CA SER B 127 29.36 14.95 -16.32
C SER B 127 30.86 14.75 -16.55
N ARG B 128 31.66 14.90 -15.49
CA ARG B 128 33.13 14.74 -15.58
C ARG B 128 33.52 13.26 -15.71
N PHE B 129 32.80 12.34 -15.05
CA PHE B 129 33.08 10.91 -15.13
C PHE B 129 31.83 10.17 -15.66
N PRO B 130 31.42 10.37 -16.94
CA PRO B 130 30.18 9.75 -17.42
C PRO B 130 30.19 8.23 -17.35
N GLY B 131 29.10 7.64 -16.87
CA GLY B 131 28.92 6.20 -16.70
C GLY B 131 29.70 5.58 -15.54
N GLU B 132 30.37 6.40 -14.69
CA GLU B 132 31.22 5.90 -13.59
C GLU B 132 30.69 6.12 -12.19
N VAL B 133 29.90 7.17 -11.99
CA VAL B 133 29.49 7.55 -10.64
C VAL B 133 28.15 6.96 -10.24
N SER B 134 28.13 6.28 -9.07
CA SER B 134 26.89 5.78 -8.46
C SER B 134 26.44 6.76 -7.36
N VAL B 135 25.17 7.08 -7.33
CA VAL B 135 24.63 7.98 -6.30
C VAL B 135 23.86 7.13 -5.27
N LEU B 136 24.21 7.28 -3.99
CA LEU B 136 23.50 6.61 -2.91
C LEU B 136 22.67 7.70 -2.24
N ALA B 137 21.34 7.60 -2.37
CA ALA B 137 20.41 8.61 -1.85
C ALA B 137 19.80 8.14 -0.54
N LEU B 138 20.26 8.73 0.58
CA LEU B 138 19.88 8.42 1.97
C LEU B 138 18.84 9.35 2.58
N GLY B 139 18.48 10.40 1.85
CA GLY B 139 17.47 11.31 2.36
C GLY B 139 16.40 11.63 1.33
N PRO B 140 15.63 12.72 1.60
CA PRO B 140 14.67 13.21 0.57
C PRO B 140 15.40 13.43 -0.75
N LEU B 141 14.69 13.30 -1.87
CA LEU B 141 15.35 13.30 -3.18
C LEU B 141 15.50 14.66 -3.86
N THR B 142 15.32 15.77 -3.10
CA THR B 142 15.37 17.15 -3.60
C THR B 142 16.62 17.47 -4.46
N ASN B 143 17.83 17.21 -3.95
CA ASN B 143 19.07 17.53 -4.68
C ASN B 143 19.17 16.74 -5.98
N ILE B 144 18.65 15.48 -5.98
CA ILE B 144 18.68 14.61 -7.15
C ILE B 144 17.69 15.13 -8.22
N ALA B 145 16.45 15.47 -7.82
CA ALA B 145 15.48 16.05 -8.75
C ALA B 145 16.03 17.37 -9.32
N LEU B 146 16.71 18.19 -8.48
CA LEU B 146 17.31 19.47 -8.92
C LEU B 146 18.44 19.27 -9.92
N ALA B 147 19.28 18.23 -9.70
CA ALA B 147 20.37 17.91 -10.64
C ALA B 147 19.72 17.47 -11.97
N ILE B 148 18.58 16.74 -11.89
CA ILE B 148 17.89 16.30 -13.11
C ILE B 148 17.35 17.52 -13.90
N LYS B 149 16.73 18.47 -13.18
CA LYS B 149 16.19 19.71 -13.76
C LYS B 149 17.29 20.53 -14.42
N LYS B 150 18.46 20.62 -13.78
CA LYS B 150 19.56 21.40 -14.30
C LYS B 150 20.19 20.83 -15.57
N ASP B 151 20.51 19.52 -15.57
CA ASP B 151 21.21 18.86 -16.67
C ASP B 151 20.44 17.64 -17.21
N PRO B 152 19.93 17.69 -18.46
CA PRO B 152 19.20 16.52 -19.00
C PRO B 152 20.09 15.30 -19.30
N SER B 153 21.43 15.48 -19.31
CA SER B 153 22.33 14.34 -19.54
C SER B 153 22.62 13.60 -18.23
N PHE B 154 22.23 14.19 -17.06
CA PHE B 154 22.46 13.57 -15.75
C PHE B 154 21.94 12.13 -15.67
N VAL B 155 20.64 11.92 -15.97
CA VAL B 155 20.02 10.58 -15.98
C VAL B 155 20.69 9.56 -16.93
N LYS B 156 21.36 10.05 -18.00
CA LYS B 156 22.02 9.19 -18.97
C LYS B 156 23.44 8.85 -18.54
N ASN B 157 24.12 9.79 -17.85
CA ASN B 157 25.51 9.66 -17.42
C ASN B 157 25.72 9.12 -16.01
N VAL B 158 24.72 9.25 -15.12
CA VAL B 158 24.83 8.69 -13.77
C VAL B 158 24.85 7.14 -13.93
N LYS B 159 25.80 6.44 -13.30
CA LYS B 159 25.89 4.99 -13.41
C LYS B 159 24.60 4.33 -12.91
N LYS B 160 24.20 4.67 -11.70
CA LYS B 160 22.95 4.21 -11.09
C LYS B 160 22.65 5.08 -9.89
N ILE B 161 21.39 5.06 -9.43
CA ILE B 161 20.97 5.77 -8.23
C ILE B 161 20.38 4.70 -7.31
N VAL B 162 20.97 4.50 -6.15
CA VAL B 162 20.43 3.54 -5.17
C VAL B 162 19.72 4.40 -4.14
N VAL B 163 18.41 4.24 -4.03
CA VAL B 163 17.55 5.06 -3.18
C VAL B 163 17.09 4.33 -1.94
N LEU B 164 17.27 4.97 -0.78
CA LEU B 164 16.66 4.44 0.43
C LEU B 164 15.37 5.28 0.54
N GLY B 165 14.23 4.66 0.29
CA GLY B 165 12.96 5.36 0.38
C GLY B 165 11.78 4.53 -0.07
N GLY B 166 10.59 4.97 0.31
CA GLY B 166 9.33 4.33 -0.05
C GLY B 166 8.96 3.17 0.84
N ALA B 167 7.77 2.66 0.63
CA ALA B 167 7.21 1.51 1.34
C ALA B 167 6.31 0.84 0.32
N PHE B 168 6.76 -0.33 -0.17
CA PHE B 168 6.05 -1.07 -1.19
C PHE B 168 5.33 -2.21 -0.51
N PHE B 169 3.99 -2.13 -0.44
CA PHE B 169 3.17 -3.13 0.26
C PHE B 169 3.61 -3.32 1.73
N ALA B 170 3.92 -2.20 2.38
CA ALA B 170 4.33 -2.14 3.77
C ALA B 170 3.96 -0.79 4.36
N ALA B 171 3.86 -0.72 5.69
CA ALA B 171 3.49 0.49 6.41
C ALA B 171 4.56 1.56 6.21
N GLY B 172 4.13 2.82 6.16
CA GLY B 172 5.08 3.91 6.11
C GLY B 172 5.50 4.21 7.55
N ASN B 173 6.45 5.11 7.71
CA ASN B 173 6.94 5.52 9.03
C ASN B 173 6.70 7.03 9.28
N ALA B 174 6.31 7.80 8.25
CA ALA B 174 5.97 9.22 8.39
C ALA B 174 4.46 9.31 8.65
N THR B 175 3.66 8.51 7.92
CA THR B 175 2.23 8.33 8.09
C THR B 175 2.02 6.81 7.86
N PRO B 176 0.85 6.20 8.16
CA PRO B 176 0.65 4.79 7.82
C PRO B 176 0.90 4.50 6.33
N SER B 177 0.77 5.52 5.46
CA SER B 177 0.90 5.35 4.01
C SER B 177 2.25 5.70 3.39
N ALA B 178 3.06 6.50 4.09
CA ALA B 178 4.30 7.04 3.52
C ALA B 178 5.55 6.87 4.33
N GLU B 179 6.65 6.55 3.65
CA GLU B 179 7.98 6.48 4.25
C GLU B 179 8.50 7.94 4.29
N ALA B 180 9.32 8.28 5.29
CA ALA B 180 9.80 9.64 5.56
C ALA B 180 10.52 10.33 4.40
N ASN B 181 11.53 9.72 3.80
CA ASN B 181 12.30 10.36 2.71
C ASN B 181 11.41 10.80 1.57
N ILE B 182 10.41 9.97 1.20
CA ILE B 182 9.49 10.31 0.13
C ILE B 182 8.52 11.37 0.61
N HIS B 183 7.97 11.18 1.82
CA HIS B 183 7.03 12.11 2.44
C HIS B 183 7.63 13.52 2.57
N SER B 184 8.95 13.59 2.81
CA SER B 184 9.71 14.84 2.99
C SER B 184 9.76 15.63 1.69
N ASP B 185 9.75 14.95 0.52
CA ASP B 185 9.68 15.68 -0.74
C ASP B 185 9.01 14.78 -1.80
N PRO B 186 7.65 14.72 -1.82
CA PRO B 186 6.95 13.82 -2.77
C PRO B 186 7.17 14.18 -4.25
N GLU B 187 7.16 15.47 -4.58
CA GLU B 187 7.41 15.97 -5.93
C GLU B 187 8.80 15.54 -6.45
N ALA B 188 9.83 15.67 -5.60
CA ALA B 188 11.19 15.25 -5.99
C ALA B 188 11.25 13.75 -6.24
N ALA B 189 10.60 12.98 -5.37
CA ALA B 189 10.60 11.51 -5.49
C ALA B 189 9.88 11.07 -6.78
N ASP B 190 8.73 11.67 -7.07
CA ASP B 190 8.00 11.33 -8.30
C ASP B 190 8.84 11.65 -9.54
N MET B 191 9.58 12.78 -9.52
CA MET B 191 10.42 13.20 -10.65
C MET B 191 11.55 12.22 -10.89
N VAL B 192 12.22 11.85 -9.81
CA VAL B 192 13.33 10.90 -9.85
C VAL B 192 12.86 9.53 -10.36
N PHE B 193 11.79 8.99 -9.77
CA PHE B 193 11.27 7.66 -10.14
C PHE B 193 10.78 7.57 -11.59
N THR B 194 10.38 8.72 -12.20
CA THR B 194 9.93 8.75 -13.59
C THR B 194 11.01 9.31 -14.53
N SER B 195 12.22 9.59 -14.02
CA SER B 195 13.30 10.22 -14.79
C SER B 195 13.96 9.38 -15.88
N GLY B 196 13.85 8.06 -15.77
CA GLY B 196 14.46 7.12 -16.72
C GLY B 196 15.89 6.77 -16.36
N ALA B 197 16.41 7.26 -15.19
CA ALA B 197 17.77 6.90 -14.77
C ALA B 197 17.76 5.42 -14.29
N ASP B 198 18.94 4.77 -14.18
CA ASP B 198 19.01 3.40 -13.69
C ASP B 198 18.86 3.46 -12.17
N ILE B 199 17.64 3.30 -11.70
CA ILE B 199 17.30 3.43 -10.28
C ILE B 199 17.01 2.09 -9.59
N TYR B 200 17.48 1.96 -8.34
CA TYR B 200 17.26 0.80 -7.46
C TYR B 200 16.68 1.35 -6.15
N VAL B 201 15.43 0.99 -5.80
CA VAL B 201 14.77 1.50 -4.61
C VAL B 201 14.69 0.46 -3.51
N VAL B 202 15.18 0.83 -2.34
CA VAL B 202 15.15 -0.01 -1.14
C VAL B 202 14.15 0.67 -0.20
N GLY B 203 12.98 0.06 -0.01
CA GLY B 203 11.94 0.64 0.86
C GLY B 203 11.85 -0.02 2.23
N LEU B 204 10.92 0.48 3.06
CA LEU B 204 10.70 -0.05 4.42
C LEU B 204 10.30 -1.53 4.42
N ASN B 205 9.67 -1.99 3.34
CA ASN B 205 9.31 -3.40 3.10
C ASN B 205 10.54 -4.28 3.21
N ILE B 206 11.72 -3.72 2.85
CA ILE B 206 13.01 -4.41 2.95
C ILE B 206 13.67 -4.14 4.30
N THR B 207 13.86 -2.87 4.66
CA THR B 207 14.65 -2.48 5.83
C THR B 207 14.02 -2.90 7.17
N THR B 208 12.69 -2.95 7.30
CA THR B 208 12.06 -3.37 8.55
C THR B 208 12.21 -4.88 8.78
N GLN B 209 12.72 -5.62 7.78
CA GLN B 209 12.97 -7.04 7.90
C GLN B 209 14.34 -7.26 8.56
N VAL B 210 15.22 -6.22 8.55
CA VAL B 210 16.60 -6.32 9.04
C VAL B 210 16.69 -5.74 10.46
N SER B 211 16.41 -6.57 11.45
CA SER B 211 16.41 -6.16 12.84
C SER B 211 17.82 -6.15 13.46
N PHE B 212 18.15 -5.08 14.18
CA PHE B 212 19.39 -4.94 14.95
C PHE B 212 18.91 -4.70 16.35
N THR B 213 19.43 -5.48 17.29
CA THR B 213 18.92 -5.45 18.66
C THR B 213 19.79 -4.68 19.64
N ASP B 214 19.26 -4.47 20.86
CA ASP B 214 19.95 -3.87 22.01
C ASP B 214 21.17 -4.75 22.31
N LYS B 215 21.04 -6.08 22.13
CA LYS B 215 22.09 -7.08 22.32
C LYS B 215 23.24 -6.86 21.29
N ASP B 216 22.89 -6.65 20.00
CA ASP B 216 23.86 -6.37 18.91
C ASP B 216 24.64 -5.08 19.20
N LEU B 217 23.97 -4.04 19.74
CA LEU B 217 24.60 -2.77 20.05
C LEU B 217 25.56 -2.88 21.21
N LEU B 218 25.18 -3.65 22.25
CA LEU B 218 26.04 -3.86 23.40
C LEU B 218 27.29 -4.70 23.02
N GLU B 219 27.11 -5.64 22.06
CA GLU B 219 28.22 -6.44 21.52
C GLU B 219 29.16 -5.49 20.84
N LEU B 220 28.63 -4.60 19.94
CA LEU B 220 29.41 -3.58 19.26
C LEU B 220 30.17 -2.69 20.26
N ARG B 221 29.51 -2.27 21.37
CA ARG B 221 30.16 -1.44 22.39
C ARG B 221 31.35 -2.13 22.98
N ASN B 222 31.30 -3.46 23.02
CA ASN B 222 32.35 -4.27 23.62
C ASN B 222 33.31 -4.91 22.56
N SER B 223 33.41 -4.31 21.35
CA SER B 223 34.27 -4.75 20.23
C SER B 223 35.51 -3.81 19.99
N GLN B 224 36.33 -4.09 18.94
CA GLN B 224 37.51 -3.26 18.59
C GLN B 224 37.28 -2.44 17.32
N GLY B 225 36.01 -2.36 16.91
CA GLY B 225 35.60 -1.59 15.73
C GLY B 225 36.16 -0.20 15.74
N LYS B 226 36.71 0.27 14.61
CA LYS B 226 37.32 1.59 14.51
C LYS B 226 36.45 2.70 15.11
N TYR B 227 35.15 2.70 14.77
CA TYR B 227 34.18 3.70 15.22
C TYR B 227 33.12 3.15 16.15
N ALA B 228 33.38 1.98 16.80
CA ALA B 228 32.41 1.28 17.65
C ALA B 228 31.81 2.13 18.76
N GLN B 229 32.67 2.86 19.51
CA GLN B 229 32.21 3.72 20.61
C GLN B 229 31.27 4.80 20.11
N PHE B 230 31.68 5.52 19.06
CA PHE B 230 30.82 6.55 18.46
C PHE B 230 29.52 5.96 17.92
N LEU B 231 29.60 4.81 17.22
CA LEU B 231 28.40 4.19 16.64
C LEU B 231 27.40 3.78 17.70
N CYS B 232 27.88 3.29 18.85
CA CYS B 232 26.98 2.92 19.94
C CYS B 232 26.40 4.18 20.59
N ASP B 233 27.25 5.21 20.82
CA ASP B 233 26.81 6.48 21.45
C ASP B 233 25.70 7.13 20.63
N VAL B 234 25.88 7.14 19.29
CA VAL B 234 24.95 7.76 18.35
C VAL B 234 23.65 6.94 18.22
N CYS B 235 23.73 5.59 18.19
CA CYS B 235 22.59 4.70 18.10
C CYS B 235 21.73 4.67 19.40
N LYS B 236 22.28 5.12 20.55
CA LYS B 236 21.59 5.13 21.84
C LYS B 236 20.23 5.84 21.80
N PHE B 237 20.20 7.11 21.33
CA PHE B 237 18.98 7.89 21.20
C PHE B 237 18.00 7.16 20.26
N TYR B 238 18.55 6.63 19.15
CA TYR B 238 17.84 5.88 18.11
C TYR B 238 17.12 4.67 18.72
N LEU B 239 17.83 3.86 19.54
CA LEU B 239 17.28 2.69 20.23
C LEU B 239 16.19 3.09 21.23
N ASP B 240 16.47 4.14 22.04
CA ASP B 240 15.50 4.61 23.05
C ASP B 240 14.19 5.05 22.39
N TRP B 241 14.28 5.75 21.25
CA TRP B 241 13.08 6.14 20.49
C TRP B 241 12.33 4.94 19.91
N HIS B 242 13.04 3.94 19.33
CA HIS B 242 12.41 2.75 18.72
C HIS B 242 11.69 1.96 19.80
N THR B 243 12.35 1.77 20.97
CA THR B 243 11.77 1.06 22.11
C THR B 243 10.48 1.75 22.53
N GLU B 244 10.47 3.09 22.58
CA GLU B 244 9.32 3.90 22.95
C GLU B 244 8.18 3.82 21.90
N SER B 245 8.50 4.12 20.63
CA SER B 245 7.54 4.18 19.51
C SER B 245 7.00 2.82 19.04
N TYR B 246 7.88 1.82 18.82
CA TYR B 246 7.49 0.51 18.31
C TYR B 246 7.20 -0.53 19.41
N GLY B 247 7.68 -0.27 20.63
CA GLY B 247 7.52 -1.19 21.75
C GLY B 247 8.42 -2.40 21.65
N ALA B 248 9.60 -2.24 21.05
CA ALA B 248 10.59 -3.31 20.85
C ALA B 248 12.01 -2.74 20.89
N PRO B 249 12.99 -3.46 21.52
CA PRO B 249 14.37 -2.94 21.55
C PRO B 249 15.10 -3.34 20.28
N VAL B 250 14.54 -2.94 19.15
CA VAL B 250 15.04 -3.24 17.82
C VAL B 250 15.16 -1.92 17.04
N ILE B 251 16.31 -1.71 16.40
CA ILE B 251 16.50 -0.57 15.54
C ILE B 251 16.54 -1.06 14.11
N PHE B 252 16.13 -0.19 13.18
CA PHE B 252 16.24 -0.46 11.76
C PHE B 252 17.31 0.44 11.21
N LEU B 253 18.36 -0.14 10.62
CA LEU B 253 19.44 0.65 10.06
C LEU B 253 19.18 0.72 8.58
N HIS B 254 18.18 1.54 8.20
CA HIS B 254 17.73 1.68 6.81
C HIS B 254 18.88 2.03 5.88
N ASP B 255 19.62 3.10 6.17
CA ASP B 255 20.71 3.60 5.31
C ASP B 255 21.86 2.57 5.16
N PRO B 256 22.38 1.92 6.24
CA PRO B 256 23.33 0.80 6.05
C PRO B 256 22.77 -0.33 5.14
N VAL B 257 21.46 -0.66 5.25
CA VAL B 257 20.84 -1.68 4.40
C VAL B 257 20.91 -1.23 2.92
N SER B 258 20.64 0.04 2.63
CA SER B 258 20.72 0.50 1.23
C SER B 258 22.18 0.50 0.76
N PHE B 259 23.14 0.74 1.67
CA PHE B 259 24.57 0.66 1.33
C PHE B 259 24.91 -0.78 0.90
N ALA B 260 24.34 -1.78 1.61
CA ALA B 260 24.49 -3.21 1.25
C ALA B 260 23.86 -3.44 -0.13
N ALA B 261 22.71 -2.83 -0.46
CA ALA B 261 22.14 -2.98 -1.81
C ALA B 261 23.07 -2.38 -2.88
N LEU B 262 23.79 -1.32 -2.53
CA LEU B 262 24.71 -0.67 -3.45
C LEU B 262 25.93 -1.56 -3.75
N VAL B 263 26.61 -2.06 -2.71
CA VAL B 263 27.86 -2.82 -2.93
C VAL B 263 27.69 -4.34 -2.93
N ARG B 264 26.61 -4.88 -2.32
CA ARG B 264 26.30 -6.33 -2.32
C ARG B 264 24.89 -6.57 -2.88
N PRO B 265 24.58 -6.18 -4.15
CA PRO B 265 23.20 -6.34 -4.63
C PRO B 265 22.74 -7.80 -4.72
N GLU B 266 23.71 -8.76 -4.73
CA GLU B 266 23.40 -10.21 -4.77
C GLU B 266 22.69 -10.68 -3.49
N LEU B 267 22.68 -9.87 -2.42
CA LEU B 267 21.99 -10.24 -1.16
C LEU B 267 20.51 -9.87 -1.19
N PHE B 268 20.06 -9.31 -2.33
CA PHE B 268 18.68 -8.88 -2.58
C PHE B 268 18.21 -9.40 -3.93
N THR B 269 16.89 -9.33 -4.18
CA THR B 269 16.31 -9.59 -5.49
C THR B 269 15.56 -8.33 -5.82
N PHE B 270 15.52 -7.98 -7.10
CA PHE B 270 14.88 -6.77 -7.56
C PHE B 270 13.75 -7.11 -8.52
N LYS B 271 12.63 -6.40 -8.40
CA LYS B 271 11.48 -6.53 -9.31
C LYS B 271 11.42 -5.23 -10.12
N LYS B 272 11.16 -5.32 -11.40
CA LYS B 272 11.07 -4.15 -12.26
C LYS B 272 9.63 -3.71 -12.39
N GLY B 273 9.45 -2.40 -12.40
CA GLY B 273 8.13 -1.80 -12.54
C GLY B 273 8.12 -0.30 -12.43
N VAL B 274 7.03 0.30 -12.91
CA VAL B 274 6.83 1.76 -12.86
C VAL B 274 6.42 2.11 -11.44
N VAL B 275 7.09 3.14 -10.88
CA VAL B 275 6.77 3.66 -9.56
C VAL B 275 6.32 5.10 -9.65
N ARG B 276 5.13 5.37 -9.07
CA ARG B 276 4.61 6.74 -8.98
C ARG B 276 4.45 7.09 -7.51
N VAL B 277 4.57 8.39 -7.21
CA VAL B 277 4.43 8.91 -5.85
C VAL B 277 3.18 9.78 -5.78
N GLU B 278 2.36 9.57 -4.71
CA GLU B 278 1.21 10.42 -4.44
C GLU B 278 1.76 11.75 -3.87
N THR B 279 1.41 12.87 -4.49
CA THR B 279 1.94 14.18 -4.06
C THR B 279 0.89 15.02 -3.33
N GLN B 280 -0.37 14.57 -3.22
CA GLN B 280 -1.44 15.32 -2.55
C GLN B 280 -2.24 14.41 -1.65
N GLY B 281 -3.22 14.97 -0.96
CA GLY B 281 -4.17 14.23 -0.13
C GLY B 281 -3.57 13.60 1.10
N ILE B 282 -4.38 12.79 1.80
CA ILE B 282 -3.98 12.11 3.03
C ILE B 282 -2.83 11.10 2.79
N CYS B 283 -2.80 10.47 1.60
CA CYS B 283 -1.75 9.50 1.28
C CYS B 283 -0.51 10.14 0.62
N VAL B 284 -0.32 11.47 0.80
CA VAL B 284 0.89 12.17 0.31
C VAL B 284 2.16 11.40 0.73
N GLY B 285 3.07 11.17 -0.22
CA GLY B 285 4.31 10.44 0.04
C GLY B 285 4.25 8.95 -0.24
N HIS B 286 3.05 8.41 -0.46
CA HIS B 286 2.86 6.97 -0.77
C HIS B 286 3.53 6.61 -2.09
N THR B 287 4.27 5.49 -2.10
CA THR B 287 4.93 4.95 -3.31
C THR B 287 4.11 3.78 -3.80
N SER B 288 3.58 3.88 -5.03
CA SER B 288 2.78 2.80 -5.61
C SER B 288 3.50 2.22 -6.83
N MET B 289 3.72 0.91 -6.83
CA MET B 289 4.40 0.26 -7.94
C MET B 289 3.45 -0.61 -8.80
N ASP B 290 3.56 -0.52 -10.13
CA ASP B 290 2.81 -1.36 -11.06
C ASP B 290 3.54 -2.71 -11.18
N MET B 291 2.93 -3.74 -10.61
CA MET B 291 3.39 -5.12 -10.48
C MET B 291 3.48 -5.97 -11.75
N LEU B 292 2.91 -5.50 -12.89
CA LEU B 292 2.94 -6.16 -14.20
C LEU B 292 2.23 -7.54 -14.23
N LEU B 293 1.43 -7.86 -13.20
CA LEU B 293 0.69 -9.12 -13.13
C LEU B 293 -0.71 -9.04 -13.76
N LYS B 294 -1.20 -7.82 -13.98
CA LYS B 294 -2.50 -7.57 -14.56
C LYS B 294 -2.41 -6.59 -15.73
N LYS B 295 -2.98 -6.98 -16.87
CA LYS B 295 -3.02 -6.13 -18.07
C LYS B 295 -4.11 -5.08 -17.85
N TRP B 296 -3.76 -3.78 -17.94
CA TRP B 296 -4.73 -2.70 -17.70
C TRP B 296 -5.62 -2.45 -18.89
N ASN B 297 -6.95 -2.49 -18.67
CA ASN B 297 -7.97 -2.27 -19.70
C ASN B 297 -7.92 -0.85 -20.26
N SER B 298 -7.56 0.11 -19.40
CA SER B 298 -7.45 1.52 -19.75
C SER B 298 -6.08 2.03 -19.34
N GLU B 299 -5.63 3.14 -19.97
CA GLU B 299 -4.37 3.78 -19.62
C GLU B 299 -4.55 4.42 -18.23
N ASN B 300 -3.46 4.56 -17.48
CA ASN B 300 -3.51 5.12 -16.14
C ASN B 300 -2.17 5.85 -15.83
N PRO B 301 -2.03 6.53 -14.66
CA PRO B 301 -0.74 7.22 -14.35
C PRO B 301 0.54 6.38 -14.34
N TRP B 302 0.44 5.05 -14.47
CA TRP B 302 1.60 4.15 -14.47
C TRP B 302 1.97 3.60 -15.86
N THR B 303 1.14 3.84 -16.88
CA THR B 303 1.43 3.30 -18.23
C THR B 303 2.33 4.32 -18.98
N GLY B 304 3.27 3.87 -19.81
CA GLY B 304 4.11 4.82 -20.54
C GLY B 304 5.39 5.32 -19.90
N TYR B 305 5.60 5.11 -18.59
CA TYR B 305 6.87 5.49 -17.96
C TYR B 305 7.90 4.37 -17.99
N SER B 306 9.19 4.72 -17.80
CA SER B 306 10.26 3.74 -17.77
C SER B 306 10.23 3.03 -16.41
N PRO B 307 10.28 1.69 -16.39
CA PRO B 307 10.27 1.00 -15.08
C PRO B 307 11.61 1.18 -14.36
N ILE B 308 11.61 1.03 -13.04
CA ILE B 308 12.83 1.11 -12.21
C ILE B 308 12.91 -0.22 -11.43
N SER B 309 13.98 -0.43 -10.65
CA SER B 309 14.14 -1.67 -9.90
C SER B 309 13.80 -1.43 -8.46
N VAL B 310 12.96 -2.26 -7.90
CA VAL B 310 12.56 -2.14 -6.50
C VAL B 310 13.05 -3.40 -5.74
N ALA B 311 13.87 -3.24 -4.68
CA ALA B 311 14.36 -4.37 -3.89
C ALA B 311 13.13 -5.12 -3.33
N TRP B 312 13.01 -6.41 -3.65
CA TRP B 312 11.84 -7.23 -3.31
C TRP B 312 12.04 -8.20 -2.15
N THR B 313 13.21 -8.86 -2.12
CA THR B 313 13.53 -9.74 -1.01
C THR B 313 14.93 -9.42 -0.56
N VAL B 314 15.28 -9.87 0.65
CA VAL B 314 16.58 -9.60 1.25
C VAL B 314 17.02 -10.81 2.06
N ASP B 315 18.30 -11.18 1.91
CA ASP B 315 18.86 -12.26 2.72
C ASP B 315 19.28 -11.58 4.03
N VAL B 316 18.39 -11.60 5.04
CA VAL B 316 18.57 -10.91 6.31
C VAL B 316 19.84 -11.34 7.07
N PRO B 317 20.14 -12.63 7.35
CA PRO B 317 21.39 -12.92 8.10
C PRO B 317 22.65 -12.42 7.37
N LYS B 318 22.70 -12.57 6.04
CA LYS B 318 23.85 -12.10 5.26
C LYS B 318 24.00 -10.55 5.31
N VAL B 319 22.89 -9.79 5.29
CA VAL B 319 22.96 -8.31 5.40
C VAL B 319 23.41 -7.91 6.81
N VAL B 320 22.88 -8.58 7.86
CA VAL B 320 23.30 -8.32 9.25
C VAL B 320 24.84 -8.54 9.39
N ALA B 321 25.32 -9.70 8.89
CA ALA B 321 26.73 -10.11 8.94
C ALA B 321 27.62 -9.11 8.20
N PHE B 322 27.13 -8.58 7.04
CA PHE B 322 27.86 -7.60 6.24
C PHE B 322 28.00 -6.28 7.00
N VAL B 323 26.91 -5.78 7.61
CA VAL B 323 26.93 -4.53 8.39
C VAL B 323 27.88 -4.72 9.56
N LYS B 324 27.75 -5.85 10.31
CA LYS B 324 28.61 -6.14 11.46
C LYS B 324 30.08 -6.20 11.07
N GLU B 325 30.40 -6.84 9.94
CA GLU B 325 31.78 -6.94 9.47
C GLU B 325 32.40 -5.54 9.29
N LEU B 326 31.65 -4.64 8.65
CA LEU B 326 32.14 -3.28 8.40
C LEU B 326 32.29 -2.43 9.65
N VAL B 327 31.36 -2.53 10.62
CA VAL B 327 31.38 -1.71 11.83
C VAL B 327 32.34 -2.27 12.90
N THR B 328 32.61 -3.60 12.91
CA THR B 328 33.51 -4.22 13.88
C THR B 328 34.98 -4.22 13.42
N LYS B 329 35.21 -3.89 12.15
CA LYS B 329 36.53 -3.80 11.55
C LYS B 329 37.44 -2.78 12.33
N PRO B 330 38.59 -3.22 12.90
CA PRO B 330 39.44 -2.29 13.67
C PRO B 330 40.05 -1.19 12.79
CA CA C . -19.47 -7.11 -6.62
O5' IMH D . -12.78 -5.87 -7.24
C5' IMH D . -13.59 -6.90 -6.68
C4' IMH D . -15.06 -6.51 -6.76
N4' IMH D . -15.46 -5.96 -8.07
C3' IMH D . -16.05 -7.65 -6.56
O3' IMH D . -17.20 -7.22 -5.83
C2' IMH D . -16.44 -8.13 -7.97
O2' IMH D . -17.84 -8.25 -8.13
C1' IMH D . -15.90 -7.05 -8.94
C9 IMH D . -14.77 -7.48 -9.82
C8 IMH D . -14.25 -8.73 -10.00
N7 IMH D . -13.13 -8.66 -10.78
C5 IMH D . -12.91 -7.35 -11.13
C6 IMH D . -11.97 -6.63 -11.89
O6 IMH D . -10.94 -7.28 -12.36
N1 IMH D . -12.07 -5.30 -12.10
C2 IMH D . -13.13 -4.63 -11.55
N3 IMH D . -14.06 -5.23 -10.78
C4 IMH D . -13.94 -6.56 -10.58
C1 EDO E . -7.17 -19.41 10.27
O1 EDO E . -8.57 -19.28 10.41
C2 EDO E . -6.69 -18.94 8.87
O2 EDO E . -5.71 -19.87 8.39
O5' IMH F . 12.53 6.49 6.76
C5' IMH F . 13.85 5.99 6.62
C4' IMH F . 14.81 7.13 6.34
N4' IMH F . 14.61 8.30 7.22
C3' IMH F . 16.28 6.79 6.56
O3' IMH F . 17.11 7.42 5.58
C2' IMH F . 16.63 7.28 7.99
O2' IMH F . 17.80 8.06 8.03
C1' IMH F . 15.43 8.15 8.42
C9 IMH F . 14.58 7.58 9.52
C8 IMH F . 14.81 6.47 10.28
N7 IMH F . 13.74 6.22 11.10
C5 IMH F . 12.78 7.19 10.87
C6 IMH F . 11.52 7.50 11.37
O6 IMH F . 10.99 6.70 12.24
N1 IMH F . 10.84 8.62 10.97
C2 IMH F . 11.41 9.43 10.05
N3 IMH F . 12.62 9.18 9.48
C4 IMH F . 13.28 8.07 9.89
CA CA G . 18.72 9.19 5.97
C1 PGE H . 22.10 -1.82 -6.88
O1 PGE H . 23.42 -1.55 -6.41
C2 PGE H . 22.11 -2.80 -8.01
O2 PGE H . 22.99 -2.32 -9.02
C3 PGE H . 23.01 -3.16 -10.16
C4 PGE H . 23.85 -2.49 -11.22
O4 PGE H . 27.88 -1.24 -10.45
C6 PGE H . 27.49 -2.21 -11.41
C5 PGE H . 26.07 -2.02 -11.84
O3 PGE H . 25.19 -2.39 -10.80
C1 EDO I . 28.51 0.07 -6.71
O1 EDO I . 28.76 -0.40 -8.02
C2 EDO I . 29.77 -0.06 -5.82
O2 EDO I . 30.06 -1.40 -5.47
#